data_7CR1
#
_entry.id   7CR1
#
_cell.length_a   1.00
_cell.length_b   1.00
_cell.length_c   1.00
_cell.angle_alpha   90.00
_cell.angle_beta   90.00
_cell.angle_gamma   90.00
#
_symmetry.space_group_name_H-M   'P 1'
#
loop_
_entity.id
_entity.type
_entity.pdbx_description
1 polymer 'Potassium voltage-gated channel subfamily KQT member 2'
2 non-polymer N-(6-chloranylpyridin-3-yl)-4-fluoranyl-benzamide
#
_entity_poly.entity_id   1
_entity_poly.type   'polypeptide(L)'
_entity_poly.pdbx_seq_one_letter_code
;MAGKPPKRNAFYRKLQNFLYNVLERPRGWAFIYHAYVFLLVFSCLVLSVFSTIKEYEKSSEGALYILEIVTIVVFGVEYF
VRIWAAGCCCRYRGWRGRLKFARKPFCVIDIMVLIASIAVLAAGSQGNVFATSALRSLRFLQILRMIRMDRRGGTWKLLG
SVVYAHSKELVTAWYIGFLCLILASFLVYLAEKGENDHFDTYADALWWGLITLTTIGYGDKYPQTWNGRLLAATFTLIGV
SFFALPAGILGSGFALKVQEQHRQKHFEKRRNPAAGLIQSAWRFYATNLSRTDLHSTWQYYERTVTVPMYSSQTQTYGAS
RLIPPLNQLELLRNLKSKSGLAFRKDPPPEPSPSKGSPCRGPLCGCCPGRSSQKVSLKDRVFSSPRGVAAKGKGSPQAQT
VRRSPSADQSLEDSPSKVPKSWSFGDRSRARQAFRIKGAASRQNSEEASLPGEDIVDDKSCPCEFVTEDLTPGLKVSIRA
VCVMRFLVSKRKFKESLRPYDVMDVIEQYSAGHLDMLSRIKSLQSRVDQIVGRGPAITDKDRTKGPAEAELPEDPSMMGR
LGKVEKQVLSMEKKLDFLVNIYMQRMGIPPTETEAYFGAKEPEPAPPYHSPEDSREHVDRHGCIVKIVRSSSSTGQKNFS
VEGGSSGGWSHPQFEK
;
_entity_poly.pdbx_strand_id   A,B,C,D
#
loop_
_chem_comp.id
_chem_comp.type
_chem_comp.name
_chem_comp.formula
GB9 non-polymer N-(6-chloranylpyridin-3-yl)-4-fluoranyl-benzamide 'C12 H8 Cl F N2 O'
#
# COMPACT_ATOMS: atom_id res chain seq x y z
N ARG A 8 10.83 -45.14 36.04
CA ARG A 8 10.40 -46.09 35.03
C ARG A 8 8.96 -45.80 34.62
N ASN A 9 8.01 -46.41 35.31
CA ASN A 9 6.61 -46.07 35.05
C ASN A 9 6.34 -44.62 35.39
N ALA A 10 6.99 -44.10 36.43
CA ALA A 10 6.96 -42.67 36.68
C ALA A 10 7.54 -41.92 35.49
N PHE A 11 8.71 -42.35 35.02
CA PHE A 11 9.24 -41.82 33.78
C PHE A 11 8.28 -42.09 32.63
N TYR A 12 7.52 -43.20 32.70
CA TYR A 12 6.50 -43.47 31.71
C TYR A 12 5.49 -42.34 31.63
N ARG A 13 4.85 -42.02 32.75
CA ARG A 13 3.84 -40.97 32.76
C ARG A 13 4.45 -39.63 32.39
N LYS A 14 5.62 -39.31 32.94
CA LYS A 14 6.24 -38.03 32.64
C LYS A 14 6.61 -37.93 31.16
N LEU A 15 7.11 -39.02 30.59
CA LEU A 15 7.41 -39.04 29.16
C LEU A 15 6.15 -38.80 28.34
N GLN A 16 5.16 -39.69 28.51
CA GLN A 16 3.93 -39.60 27.74
C GLN A 16 3.31 -38.22 27.81
N ASN A 17 3.32 -37.61 29.00
CA ASN A 17 2.86 -36.23 29.11
C ASN A 17 3.71 -35.30 28.26
N PHE A 18 5.04 -35.46 28.31
CA PHE A 18 5.90 -34.57 27.55
C PHE A 18 5.61 -34.69 26.06
N LEU A 19 5.49 -35.92 25.57
CA LEU A 19 5.11 -36.16 24.19
C LEU A 19 3.83 -35.43 23.85
N TYR A 20 2.83 -35.51 24.74
CA TYR A 20 1.58 -34.83 24.49
C TYR A 20 1.77 -33.33 24.36
N ASN A 21 2.72 -32.77 25.11
CA ASN A 21 2.88 -31.31 25.07
C ASN A 21 3.68 -30.85 23.87
N VAL A 22 4.65 -31.63 23.42
CA VAL A 22 5.41 -31.24 22.23
C VAL A 22 4.55 -31.41 20.97
N LEU A 23 3.94 -32.58 20.82
CA LEU A 23 3.01 -32.77 19.72
C LEU A 23 1.88 -31.75 19.77
N GLU A 24 1.39 -31.46 20.97
CA GLU A 24 0.42 -30.40 21.21
C GLU A 24 1.15 -29.09 21.52
N ARG A 25 0.47 -28.15 22.15
CA ARG A 25 0.97 -26.81 22.37
C ARG A 25 2.42 -26.79 22.83
N PRO A 26 3.34 -26.41 21.95
CA PRO A 26 4.73 -26.26 22.35
C PRO A 26 5.04 -24.82 22.69
N ARG A 27 6.04 -24.55 23.52
CA ARG A 27 6.35 -23.18 23.89
C ARG A 27 7.66 -22.67 23.29
N GLY A 28 8.79 -23.34 23.56
CA GLY A 28 10.06 -22.80 23.09
C GLY A 28 10.94 -23.74 22.29
N TRP A 29 10.81 -25.04 22.50
CA TRP A 29 11.78 -25.99 21.96
C TRP A 29 11.16 -26.94 20.94
N ALA A 30 9.93 -27.38 21.17
CA ALA A 30 9.29 -28.26 20.21
C ALA A 30 8.94 -27.52 18.93
N PHE A 31 8.91 -26.18 18.97
CA PHE A 31 8.54 -25.43 17.79
C PHE A 31 9.55 -25.66 16.66
N ILE A 32 10.81 -25.90 17.00
CA ILE A 32 11.78 -26.26 15.97
C ILE A 32 11.41 -27.58 15.32
N TYR A 33 10.92 -28.54 16.11
CA TYR A 33 10.47 -29.80 15.53
C TYR A 33 9.37 -29.56 14.51
N HIS A 34 8.35 -28.80 14.90
CA HIS A 34 7.27 -28.51 13.97
C HIS A 34 7.79 -27.76 12.76
N ALA A 35 8.77 -26.88 12.94
CA ALA A 35 9.33 -26.16 11.80
C ALA A 35 9.99 -27.12 10.82
N TYR A 36 10.59 -28.20 11.29
CA TYR A 36 11.22 -29.13 10.37
C TYR A 36 10.18 -29.97 9.64
N VAL A 37 9.10 -30.35 10.31
CA VAL A 37 8.03 -31.04 9.58
C VAL A 37 7.42 -30.12 8.54
N PHE A 38 7.29 -28.83 8.86
CA PHE A 38 6.73 -27.90 7.90
C PHE A 38 7.66 -27.75 6.70
N LEU A 39 8.97 -27.69 6.93
CA LEU A 39 9.88 -27.60 5.81
C LEU A 39 9.82 -28.86 4.96
N LEU A 40 9.51 -29.99 5.59
CA LEU A 40 9.30 -31.21 4.82
C LEU A 40 8.15 -31.05 3.85
N VAL A 41 6.96 -30.72 4.36
CA VAL A 41 5.81 -30.61 3.49
C VAL A 41 5.98 -29.46 2.50
N PHE A 42 6.69 -28.41 2.90
CA PHE A 42 6.89 -27.28 1.99
C PHE A 42 7.70 -27.71 0.77
N SER A 43 8.85 -28.35 1.00
CA SER A 43 9.65 -28.81 -0.13
C SER A 43 8.90 -29.84 -0.95
N CYS A 44 8.01 -30.62 -0.33
CA CYS A 44 7.16 -31.49 -1.11
C CYS A 44 6.28 -30.70 -2.07
N LEU A 45 5.71 -29.60 -1.58
CA LEU A 45 4.87 -28.77 -2.44
C LEU A 45 5.66 -28.14 -3.57
N VAL A 46 6.83 -27.60 -3.26
CA VAL A 46 7.65 -26.97 -4.29
C VAL A 46 8.11 -27.99 -5.30
N LEU A 47 8.46 -29.20 -4.84
CA LEU A 47 8.93 -30.20 -5.78
C LEU A 47 7.82 -30.69 -6.68
N SER A 48 6.58 -30.74 -6.19
CA SER A 48 5.49 -31.07 -7.08
C SER A 48 5.29 -29.99 -8.13
N VAL A 49 5.38 -28.73 -7.72
CA VAL A 49 5.26 -27.62 -8.66
C VAL A 49 6.31 -27.73 -9.74
N PHE A 50 7.52 -28.14 -9.38
CA PHE A 50 8.54 -28.40 -10.39
C PHE A 50 8.17 -29.60 -11.24
N SER A 51 7.60 -30.62 -10.63
CA SER A 51 7.39 -31.88 -11.34
C SER A 51 6.32 -31.79 -12.41
N THR A 52 5.51 -30.73 -12.41
CA THR A 52 4.47 -30.65 -13.45
C THR A 52 5.06 -30.35 -14.81
N ILE A 53 6.01 -29.42 -14.89
CA ILE A 53 6.52 -28.99 -16.20
C ILE A 53 7.40 -30.09 -16.77
N LYS A 54 7.05 -30.55 -17.96
CA LYS A 54 7.68 -31.74 -18.53
C LYS A 54 9.09 -31.52 -18.98
N GLU A 55 9.71 -30.38 -18.75
CA GLU A 55 11.13 -30.26 -19.03
C GLU A 55 11.99 -30.73 -17.86
N TYR A 56 11.49 -30.59 -16.64
CA TYR A 56 12.17 -31.03 -15.43
C TYR A 56 11.38 -32.13 -14.77
N GLU A 57 10.84 -33.06 -15.57
CA GLU A 57 9.96 -34.09 -15.04
C GLU A 57 10.76 -35.24 -14.41
N LYS A 58 11.61 -35.90 -15.21
CA LYS A 58 12.31 -37.05 -14.69
C LYS A 58 13.28 -36.71 -13.58
N SER A 59 13.72 -35.46 -13.48
CA SER A 59 14.66 -35.12 -12.44
C SER A 59 13.99 -34.84 -11.09
N SER A 60 12.70 -35.11 -10.95
CA SER A 60 12.07 -34.88 -9.65
C SER A 60 11.13 -35.98 -9.20
N GLU A 61 10.82 -36.98 -10.05
CA GLU A 61 9.84 -37.99 -9.68
C GLU A 61 10.35 -38.83 -8.52
N GLY A 62 11.58 -39.33 -8.62
CA GLY A 62 12.12 -40.19 -7.58
C GLY A 62 12.20 -39.48 -6.25
N ALA A 63 12.65 -38.23 -6.25
CA ALA A 63 12.68 -37.45 -5.03
C ALA A 63 11.29 -37.30 -4.46
N LEU A 64 10.29 -37.09 -5.32
CA LEU A 64 8.93 -36.94 -4.82
C LEU A 64 8.42 -38.25 -4.22
N TYR A 65 8.83 -39.39 -4.78
CA TYR A 65 8.41 -40.66 -4.22
C TYR A 65 8.98 -40.86 -2.81
N ILE A 66 10.28 -40.71 -2.67
CA ILE A 66 10.90 -40.86 -1.35
C ILE A 66 10.29 -39.88 -0.35
N LEU A 67 10.24 -38.60 -0.71
CA LEU A 67 9.76 -37.60 0.24
C LEU A 67 8.29 -37.78 0.55
N GLU A 68 7.50 -38.26 -0.42
CA GLU A 68 6.09 -38.48 -0.14
C GLU A 68 5.91 -39.57 0.91
N ILE A 69 6.64 -40.67 0.76
CA ILE A 69 6.51 -41.74 1.74
C ILE A 69 6.99 -41.28 3.11
N VAL A 70 8.06 -40.48 3.13
CA VAL A 70 8.55 -39.97 4.41
C VAL A 70 7.48 -39.11 5.07
N THR A 71 6.68 -38.40 4.27
CA THR A 71 5.58 -37.63 4.83
C THR A 71 4.55 -38.55 5.48
N ILE A 72 4.17 -39.62 4.78
CA ILE A 72 3.21 -40.55 5.37
C ILE A 72 3.78 -41.19 6.62
N VAL A 73 5.08 -41.48 6.61
CA VAL A 73 5.72 -42.06 7.79
C VAL A 73 5.56 -41.13 8.99
N VAL A 74 6.04 -39.91 8.87
CA VAL A 74 6.09 -39.03 10.04
C VAL A 74 4.69 -38.62 10.47
N PHE A 75 3.77 -38.45 9.54
CA PHE A 75 2.43 -38.04 9.94
C PHE A 75 1.68 -39.18 10.61
N GLY A 76 1.78 -40.40 10.09
CA GLY A 76 1.14 -41.51 10.77
C GLY A 76 1.71 -41.74 12.14
N VAL A 77 3.03 -41.61 12.29
CA VAL A 77 3.65 -41.77 13.60
C VAL A 77 3.17 -40.68 14.55
N GLU A 78 3.13 -39.43 14.07
CA GLU A 78 2.59 -38.35 14.88
C GLU A 78 1.17 -38.65 15.32
N TYR A 79 0.33 -39.14 14.41
CA TYR A 79 -1.07 -39.35 14.75
C TYR A 79 -1.24 -40.45 15.78
N PHE A 80 -0.53 -41.58 15.62
CA PHE A 80 -0.64 -42.62 16.63
C PHE A 80 -0.21 -42.10 17.99
N VAL A 81 0.83 -41.27 18.03
CA VAL A 81 1.20 -40.69 19.32
C VAL A 81 0.15 -39.69 19.77
N ARG A 82 -0.52 -39.01 18.83
CA ARG A 82 -1.60 -38.10 19.20
C ARG A 82 -2.69 -38.82 19.96
N ILE A 83 -2.93 -40.08 19.62
CA ILE A 83 -3.95 -40.87 20.31
C ILE A 83 -3.39 -41.48 21.58
N TRP A 84 -2.27 -42.20 21.45
CA TRP A 84 -1.70 -42.91 22.59
C TRP A 84 -1.35 -41.96 23.74
N ALA A 85 -0.95 -40.74 23.42
CA ALA A 85 -0.57 -39.76 24.44
C ALA A 85 -1.71 -38.80 24.77
N ALA A 86 -2.95 -39.24 24.59
CA ALA A 86 -4.08 -38.35 24.87
C ALA A 86 -4.39 -38.28 26.35
N GLY A 87 -4.08 -39.32 27.12
CA GLY A 87 -4.41 -39.36 28.53
C GLY A 87 -3.47 -38.59 29.44
N CYS A 88 -2.76 -37.60 28.89
CA CYS A 88 -1.81 -36.82 29.68
C CYS A 88 -2.48 -35.69 30.43
N CYS A 89 -3.58 -35.16 29.91
CA CYS A 89 -4.40 -34.23 30.66
C CYS A 89 -5.34 -35.01 31.58
N CYS A 90 -6.16 -34.29 32.34
CA CYS A 90 -7.02 -34.94 33.31
C CYS A 90 -8.10 -35.79 32.65
N ARG A 91 -8.61 -35.36 31.50
CA ARG A 91 -9.84 -35.95 30.95
C ARG A 91 -9.60 -37.38 30.46
N TYR A 92 -8.76 -37.54 29.46
CA TYR A 92 -8.74 -38.76 28.68
C TYR A 92 -7.95 -39.87 29.37
N ARG A 93 -8.42 -41.10 29.18
CA ARG A 93 -7.81 -42.27 29.79
C ARG A 93 -8.57 -43.49 29.33
N GLY A 94 -7.93 -44.65 29.45
CA GLY A 94 -8.61 -45.90 29.19
C GLY A 94 -9.05 -46.00 27.76
N TRP A 95 -10.36 -46.07 27.55
CA TRP A 95 -10.93 -46.17 26.21
C TRP A 95 -12.11 -45.24 25.95
N ARG A 96 -12.77 -44.72 27.00
CA ARG A 96 -13.92 -43.85 26.78
C ARG A 96 -13.49 -42.43 26.49
N GLY A 97 -12.52 -41.90 27.25
CA GLY A 97 -12.02 -40.58 26.95
C GLY A 97 -11.28 -40.53 25.63
N ARG A 98 -10.49 -41.55 25.34
CA ARG A 98 -9.80 -41.62 24.06
C ARG A 98 -10.79 -41.75 22.91
N LEU A 99 -11.77 -42.64 23.07
CA LEU A 99 -12.78 -42.82 22.05
C LEU A 99 -13.49 -41.51 21.73
N LYS A 100 -13.98 -40.81 22.77
CA LYS A 100 -14.68 -39.56 22.51
C LYS A 100 -13.74 -38.51 21.94
N PHE A 101 -12.45 -38.58 22.27
CA PHE A 101 -11.51 -37.60 21.72
C PHE A 101 -11.36 -37.75 20.23
N ALA A 102 -11.19 -38.98 19.75
CA ALA A 102 -11.10 -39.18 18.32
C ALA A 102 -12.38 -38.76 17.61
N ARG A 103 -13.49 -38.69 18.33
CA ARG A 103 -14.73 -38.20 17.76
C ARG A 103 -14.65 -36.74 17.36
N LYS A 104 -13.65 -36.01 17.83
CA LYS A 104 -13.53 -34.60 17.48
C LYS A 104 -13.39 -34.43 15.97
N PRO A 105 -13.66 -33.24 15.46
CA PRO A 105 -13.63 -33.05 14.00
C PRO A 105 -12.22 -33.18 13.43
N PHE A 106 -11.23 -32.58 14.08
CA PHE A 106 -9.88 -32.57 13.56
C PHE A 106 -9.34 -33.99 13.42
N CYS A 107 -9.46 -34.79 14.47
CA CYS A 107 -8.87 -36.13 14.41
C CYS A 107 -9.60 -37.02 13.41
N VAL A 108 -10.90 -36.81 13.23
CA VAL A 108 -11.62 -37.50 12.17
C VAL A 108 -11.02 -37.16 10.81
N ILE A 109 -10.95 -35.87 10.50
CA ILE A 109 -10.47 -35.46 9.18
C ILE A 109 -9.03 -35.84 9.00
N ASP A 110 -8.24 -35.85 10.09
CA ASP A 110 -6.84 -36.24 10.00
C ASP A 110 -6.70 -37.72 9.62
N ILE A 111 -7.40 -38.59 10.35
CA ILE A 111 -7.28 -40.02 10.08
C ILE A 111 -7.83 -40.35 8.71
N MET A 112 -8.90 -39.65 8.31
CA MET A 112 -9.43 -39.83 6.97
C MET A 112 -8.36 -39.52 5.92
N VAL A 113 -7.76 -38.34 6.01
CA VAL A 113 -6.79 -37.94 5.01
C VAL A 113 -5.55 -38.82 5.07
N LEU A 114 -5.23 -39.37 6.24
CA LEU A 114 -4.08 -40.26 6.30
C LEU A 114 -4.33 -41.53 5.49
N ILE A 115 -5.50 -42.14 5.67
CA ILE A 115 -5.81 -43.34 4.91
C ILE A 115 -5.91 -43.02 3.43
N ALA A 116 -6.52 -41.88 3.10
CA ALA A 116 -6.63 -41.50 1.69
C ALA A 116 -5.26 -41.28 1.07
N SER A 117 -4.31 -40.77 1.84
CA SER A 117 -2.94 -40.64 1.34
C SER A 117 -2.34 -42.01 1.03
N ILE A 118 -2.59 -42.99 1.90
CA ILE A 118 -2.16 -44.35 1.59
C ILE A 118 -2.81 -44.82 0.30
N ALA A 119 -4.06 -44.43 0.07
CA ALA A 119 -4.70 -44.71 -1.20
C ALA A 119 -3.97 -44.01 -2.34
N VAL A 120 -3.40 -42.84 -2.07
CA VAL A 120 -2.64 -42.13 -3.09
C VAL A 120 -1.42 -42.96 -3.50
N LEU A 121 -0.70 -43.50 -2.54
CA LEU A 121 0.41 -44.38 -2.86
C LEU A 121 -0.06 -45.78 -3.25
N ALA A 122 -1.36 -46.02 -3.21
CA ALA A 122 -1.89 -47.35 -3.52
C ALA A 122 -1.50 -47.78 -4.92
N SER A 133 -7.07 -37.04 -12.73
CA SER A 133 -7.43 -36.88 -11.33
C SER A 133 -6.36 -37.46 -10.42
N ALA A 134 -5.26 -37.92 -11.00
CA ALA A 134 -4.12 -38.37 -10.21
C ALA A 134 -3.28 -37.18 -9.75
N LEU A 135 -2.71 -36.45 -10.70
CA LEU A 135 -1.88 -35.31 -10.33
C LEU A 135 -2.72 -34.16 -9.81
N ARG A 136 -3.94 -34.01 -10.35
CA ARG A 136 -4.84 -32.96 -9.86
C ARG A 136 -5.23 -33.22 -8.42
N SER A 137 -5.61 -34.46 -8.10
CA SER A 137 -5.92 -34.78 -6.71
C SER A 137 -4.69 -34.69 -5.82
N LEU A 138 -3.50 -34.94 -6.38
CA LEU A 138 -2.29 -34.70 -5.59
C LEU A 138 -2.16 -33.23 -5.25
N ARG A 139 -2.41 -32.36 -6.22
CA ARG A 139 -2.44 -30.92 -5.92
C ARG A 139 -3.42 -30.64 -4.81
N PHE A 140 -4.56 -31.32 -4.82
CA PHE A 140 -5.57 -31.10 -3.80
C PHE A 140 -5.05 -31.51 -2.42
N LEU A 141 -4.50 -32.71 -2.30
CA LEU A 141 -4.01 -33.15 -1.00
C LEU A 141 -2.84 -32.31 -0.52
N GLN A 142 -1.97 -31.90 -1.44
CA GLN A 142 -0.84 -31.07 -1.04
C GLN A 142 -1.33 -29.76 -0.45
N ILE A 143 -2.40 -29.20 -1.02
CA ILE A 143 -3.01 -28.03 -0.40
C ILE A 143 -3.47 -28.36 1.00
N LEU A 144 -4.12 -29.52 1.16
CA LEU A 144 -4.75 -29.82 2.44
C LEU A 144 -3.72 -29.99 3.55
N ARG A 145 -2.59 -30.64 3.26
CA ARG A 145 -1.61 -30.86 4.30
C ARG A 145 -1.09 -29.55 4.87
N MET A 146 -1.13 -28.47 4.09
CA MET A 146 -0.72 -27.18 4.62
C MET A 146 -1.69 -26.70 5.69
N ILE A 147 -2.98 -27.03 5.55
CA ILE A 147 -3.94 -26.63 6.56
C ILE A 147 -3.71 -27.37 7.85
N ARG A 148 -3.10 -28.55 7.79
CA ARG A 148 -2.74 -29.28 8.99
C ARG A 148 -1.80 -28.50 9.88
N MET A 149 -0.99 -27.60 9.29
CA MET A 149 0.02 -26.91 10.08
C MET A 149 -0.56 -25.99 11.12
N ASP A 150 -1.86 -25.69 11.07
CA ASP A 150 -2.52 -24.88 12.09
C ASP A 150 -3.54 -25.78 12.78
N ARG A 151 -3.10 -26.48 13.83
CA ARG A 151 -3.99 -27.38 14.52
C ARG A 151 -5.03 -26.63 15.33
N ARG A 152 -4.58 -25.77 16.23
CA ARG A 152 -5.52 -25.10 17.13
C ARG A 152 -6.32 -24.00 16.47
N GLY A 153 -6.15 -23.77 15.17
CA GLY A 153 -6.83 -22.67 14.53
C GLY A 153 -6.45 -21.35 15.15
N GLY A 154 -5.15 -21.13 15.33
CA GLY A 154 -4.70 -19.88 15.93
C GLY A 154 -4.80 -18.73 14.96
N THR A 155 -4.29 -18.90 13.76
CA THR A 155 -4.29 -17.83 12.78
C THR A 155 -5.72 -17.42 12.42
N TRP A 156 -6.56 -18.40 12.12
CA TRP A 156 -7.94 -18.09 11.77
C TRP A 156 -8.64 -17.37 12.91
N LYS A 157 -8.43 -17.82 14.15
CA LYS A 157 -9.12 -17.21 15.27
C LYS A 157 -8.70 -15.76 15.45
N LEU A 158 -7.41 -15.48 15.33
CA LEU A 158 -6.95 -14.11 15.50
C LEU A 158 -7.49 -13.21 14.39
N LEU A 159 -7.42 -13.68 13.15
CA LEU A 159 -7.92 -12.87 12.04
C LEU A 159 -9.40 -12.57 12.19
N GLY A 160 -10.18 -13.56 12.59
CA GLY A 160 -11.61 -13.31 12.78
C GLY A 160 -11.88 -12.33 13.90
N SER A 161 -11.09 -12.40 14.96
CA SER A 161 -11.26 -11.45 16.05
C SER A 161 -11.12 -10.02 15.54
N VAL A 162 -9.98 -9.73 14.90
CA VAL A 162 -9.71 -8.36 14.50
C VAL A 162 -10.71 -7.88 13.46
N VAL A 163 -11.10 -8.76 12.53
CA VAL A 163 -12.04 -8.34 11.50
C VAL A 163 -13.38 -7.96 12.13
N TYR A 164 -13.84 -8.75 13.08
CA TYR A 164 -15.13 -8.47 13.69
C TYR A 164 -15.13 -7.12 14.39
N ALA A 165 -14.11 -6.86 15.20
CA ALA A 165 -14.09 -5.60 15.92
C ALA A 165 -14.07 -4.42 14.98
N HIS A 166 -13.56 -4.59 13.77
CA HIS A 166 -13.54 -3.54 12.76
C HIS A 166 -14.58 -3.77 11.67
N SER A 167 -15.73 -4.32 12.03
CA SER A 167 -16.72 -4.65 11.02
C SER A 167 -17.24 -3.41 10.31
N LYS A 168 -17.56 -2.36 11.06
CA LYS A 168 -18.20 -1.20 10.46
C LYS A 168 -17.27 -0.47 9.50
N GLU A 169 -15.98 -0.40 9.84
CA GLU A 169 -15.05 0.34 9.00
C GLU A 169 -14.64 -0.45 7.77
N LEU A 170 -14.48 -1.77 7.91
CA LEU A 170 -14.26 -2.59 6.72
C LEU A 170 -15.42 -2.45 5.76
N VAL A 171 -16.64 -2.40 6.27
CA VAL A 171 -17.80 -2.36 5.38
C VAL A 171 -17.91 -1.03 4.69
N THR A 172 -17.60 0.06 5.38
CA THR A 172 -17.64 1.35 4.70
C THR A 172 -16.52 1.46 3.67
N ALA A 173 -15.37 0.87 3.93
CA ALA A 173 -14.29 0.90 2.94
C ALA A 173 -14.69 0.15 1.68
N TRP A 174 -15.19 -1.08 1.85
CA TRP A 174 -15.55 -1.88 0.70
C TRP A 174 -16.79 -1.36 0.00
N TYR A 175 -17.74 -0.81 0.75
CA TYR A 175 -18.96 -0.31 0.14
C TYR A 175 -18.68 0.93 -0.70
N ILE A 176 -18.00 1.91 -0.13
CA ILE A 176 -17.75 3.13 -0.89
C ILE A 176 -16.77 2.86 -2.02
N GLY A 177 -15.83 1.94 -1.82
CA GLY A 177 -14.97 1.57 -2.93
C GLY A 177 -15.74 0.93 -4.05
N PHE A 178 -16.75 0.13 -3.71
CA PHE A 178 -17.57 -0.49 -4.74
C PHE A 178 -18.37 0.55 -5.51
N LEU A 179 -18.95 1.53 -4.82
CA LEU A 179 -19.63 2.60 -5.52
C LEU A 179 -18.69 3.33 -6.46
N CYS A 180 -17.47 3.59 -6.03
CA CYS A 180 -16.53 4.31 -6.89
C CYS A 180 -16.14 3.47 -8.09
N LEU A 181 -16.02 2.15 -7.92
CA LEU A 181 -15.71 1.28 -9.05
C LEU A 181 -16.82 1.31 -10.07
N ILE A 182 -18.08 1.25 -9.62
CA ILE A 182 -19.19 1.22 -10.55
C ILE A 182 -19.30 2.54 -11.31
N LEU A 183 -19.21 3.65 -10.59
CA LEU A 183 -19.37 4.94 -11.26
C LEU A 183 -18.23 5.21 -12.21
N ALA A 184 -17.00 4.93 -11.79
CA ALA A 184 -15.86 5.21 -12.66
C ALA A 184 -15.88 4.35 -13.90
N SER A 185 -16.24 3.07 -13.76
CA SER A 185 -16.26 2.18 -14.90
C SER A 185 -17.36 2.58 -15.88
N PHE A 186 -18.52 2.99 -15.37
CA PHE A 186 -19.58 3.43 -16.26
C PHE A 186 -19.15 4.67 -17.04
N LEU A 187 -18.62 5.67 -16.35
CA LEU A 187 -18.25 6.91 -17.01
C LEU A 187 -17.17 6.69 -18.06
N VAL A 188 -16.13 5.94 -17.72
CA VAL A 188 -15.08 5.71 -18.71
C VAL A 188 -15.59 4.88 -19.86
N TYR A 189 -16.58 4.02 -19.62
CA TYR A 189 -17.22 3.30 -20.70
C TYR A 189 -17.85 4.24 -21.72
N LEU A 190 -18.72 5.13 -21.25
CA LEU A 190 -19.35 6.08 -22.15
C LEU A 190 -18.33 6.95 -22.86
N ALA A 191 -17.27 7.33 -22.16
CA ALA A 191 -16.26 8.20 -22.73
C ALA A 191 -15.49 7.55 -23.88
N GLU A 192 -15.09 6.29 -23.75
CA GLU A 192 -14.28 5.67 -24.78
C GLU A 192 -14.88 4.49 -25.53
N LYS A 193 -16.19 4.26 -25.47
CA LYS A 193 -16.70 3.06 -26.13
C LYS A 193 -16.43 3.04 -27.63
N GLY A 194 -16.72 4.14 -28.32
CA GLY A 194 -16.46 4.17 -29.75
C GLY A 194 -14.99 4.23 -30.13
N GLU A 195 -14.25 5.13 -29.46
CA GLU A 195 -12.83 5.35 -29.75
C GLU A 195 -11.91 4.19 -29.40
N ASN A 196 -12.11 3.52 -28.27
CA ASN A 196 -11.15 2.51 -27.83
C ASN A 196 -11.65 1.07 -27.93
N ASP A 197 -10.84 0.23 -28.57
CA ASP A 197 -11.14 -1.18 -28.72
C ASP A 197 -11.18 -1.91 -27.39
N HIS A 198 -10.25 -1.59 -26.49
CA HIS A 198 -10.20 -2.26 -25.19
C HIS A 198 -11.57 -2.31 -24.54
N PHE A 199 -12.21 -1.16 -24.39
CA PHE A 199 -13.55 -1.09 -23.84
C PHE A 199 -14.56 -1.38 -24.94
N ASP A 200 -15.28 -2.49 -24.82
CA ASP A 200 -16.34 -2.77 -25.78
C ASP A 200 -17.64 -3.10 -25.08
N THR A 201 -17.56 -3.64 -23.86
CA THR A 201 -18.74 -3.96 -23.10
C THR A 201 -18.61 -3.36 -21.71
N TYR A 202 -19.71 -3.34 -20.97
CA TYR A 202 -19.61 -2.96 -19.58
C TYR A 202 -18.84 -3.98 -18.78
N ALA A 203 -18.70 -5.20 -19.30
CA ALA A 203 -17.86 -6.19 -18.64
C ALA A 203 -16.40 -5.79 -18.67
N ASP A 204 -15.94 -5.24 -19.79
CA ASP A 204 -14.55 -4.82 -19.87
C ASP A 204 -14.30 -3.55 -19.08
N ALA A 205 -15.27 -2.65 -19.01
CA ALA A 205 -15.09 -1.47 -18.18
C ALA A 205 -15.03 -1.84 -16.71
N LEU A 206 -15.78 -2.84 -16.29
CA LEU A 206 -15.65 -3.29 -14.90
C LEU A 206 -14.33 -4.00 -14.68
N TRP A 207 -13.83 -4.72 -15.68
CA TRP A 207 -12.55 -5.39 -15.50
C TRP A 207 -11.43 -4.38 -15.34
N TRP A 208 -11.35 -3.41 -16.25
CA TRP A 208 -10.36 -2.35 -16.11
C TRP A 208 -10.49 -1.66 -14.77
N GLY A 209 -11.70 -1.29 -14.38
CA GLY A 209 -11.85 -0.54 -13.14
C GLY A 209 -11.44 -1.35 -11.94
N LEU A 210 -11.69 -2.66 -11.96
CA LEU A 210 -11.33 -3.48 -10.82
C LEU A 210 -9.84 -3.70 -10.76
N ILE A 211 -9.17 -3.73 -11.91
CA ILE A 211 -7.76 -4.06 -11.97
C ILE A 211 -6.91 -2.81 -12.02
N THR A 212 -7.55 -1.65 -11.89
CA THR A 212 -6.90 -0.36 -11.77
C THR A 212 -7.03 0.23 -10.39
N LEU A 213 -8.16 0.09 -9.73
CA LEU A 213 -8.28 0.64 -8.40
C LEU A 213 -7.57 -0.21 -7.37
N THR A 214 -7.38 -1.50 -7.62
CA THR A 214 -6.53 -2.30 -6.76
C THR A 214 -5.06 -2.09 -7.04
N THR A 215 -4.72 -1.17 -7.93
CA THR A 215 -3.35 -0.82 -8.27
C THR A 215 -2.57 -1.99 -8.83
N ILE A 216 -3.23 -2.96 -9.44
CA ILE A 216 -2.50 -3.97 -10.17
C ILE A 216 -2.07 -3.41 -11.51
N GLY A 217 -3.01 -3.04 -12.35
CA GLY A 217 -2.65 -2.42 -13.59
C GLY A 217 -1.88 -3.37 -14.47
N TYR A 218 -2.57 -4.39 -14.99
CA TYR A 218 -1.92 -5.29 -15.92
C TYR A 218 -1.41 -4.52 -17.12
N GLY A 219 -2.24 -3.63 -17.64
CA GLY A 219 -1.87 -2.79 -18.75
C GLY A 219 -2.53 -3.14 -20.05
N ASP A 220 -3.46 -4.07 -20.07
CA ASP A 220 -4.12 -4.47 -21.30
C ASP A 220 -5.32 -3.60 -21.66
N LYS A 221 -5.86 -2.86 -20.70
CA LYS A 221 -6.98 -1.95 -20.96
C LYS A 221 -6.68 -0.64 -20.26
N TYR A 222 -6.45 0.42 -21.02
CA TYR A 222 -6.27 1.73 -20.43
C TYR A 222 -7.00 2.77 -21.25
N PRO A 223 -7.51 3.81 -20.62
CA PRO A 223 -8.16 4.89 -21.38
C PRO A 223 -7.20 5.52 -22.36
N GLN A 224 -7.71 5.78 -23.56
CA GLN A 224 -6.95 6.35 -24.66
C GLN A 224 -7.72 7.49 -25.31
N THR A 225 -8.23 8.40 -24.49
CA THR A 225 -9.06 9.49 -24.97
C THR A 225 -9.02 10.61 -23.94
N TRP A 226 -9.02 11.85 -24.40
CA TRP A 226 -8.94 12.96 -23.47
C TRP A 226 -10.07 12.86 -22.44
N ASN A 227 -11.24 12.42 -22.88
CA ASN A 227 -12.34 12.25 -21.95
C ASN A 227 -12.07 11.09 -20.99
N GLY A 228 -11.58 9.97 -21.52
CA GLY A 228 -11.27 8.84 -20.66
C GLY A 228 -10.18 9.16 -19.67
N ARG A 229 -9.08 9.74 -20.14
CA ARG A 229 -7.97 9.99 -19.24
C ARG A 229 -8.33 11.05 -18.21
N LEU A 230 -9.13 12.03 -18.60
CA LEU A 230 -9.52 13.07 -17.65
C LEU A 230 -10.47 12.52 -16.59
N LEU A 231 -11.27 11.52 -16.92
CA LEU A 231 -12.13 10.91 -15.92
C LEU A 231 -11.35 9.96 -15.01
N ALA A 232 -10.49 9.14 -15.60
CA ALA A 232 -9.71 8.21 -14.80
C ALA A 232 -8.75 8.96 -13.87
N ALA A 233 -8.32 10.16 -14.26
CA ALA A 233 -7.35 10.87 -13.45
C ALA A 233 -7.95 11.33 -12.12
N THR A 234 -9.22 11.73 -12.13
CA THR A 234 -9.86 12.06 -10.85
C THR A 234 -10.17 10.79 -10.05
N PHE A 235 -10.71 9.78 -10.71
CA PHE A 235 -11.19 8.64 -9.96
C PHE A 235 -10.09 7.75 -9.43
N THR A 236 -8.89 7.77 -10.02
CA THR A 236 -7.81 7.01 -9.41
C THR A 236 -7.41 7.62 -8.08
N LEU A 237 -7.20 8.93 -8.06
CA LEU A 237 -6.78 9.58 -6.82
C LEU A 237 -7.74 9.28 -5.68
N ILE A 238 -9.04 9.21 -5.97
CA ILE A 238 -9.99 8.91 -4.90
C ILE A 238 -10.09 7.41 -4.68
N GLY A 239 -10.34 6.64 -5.73
CA GLY A 239 -10.68 5.25 -5.56
C GLY A 239 -9.52 4.42 -5.03
N VAL A 240 -8.31 4.66 -5.53
CA VAL A 240 -7.19 3.83 -5.15
C VAL A 240 -7.03 3.82 -3.65
N SER A 241 -7.21 4.97 -3.03
CA SER A 241 -7.18 5.04 -1.57
C SER A 241 -8.28 4.18 -0.96
N PHE A 242 -9.48 4.27 -1.50
CA PHE A 242 -10.57 3.46 -0.96
C PHE A 242 -10.25 1.98 -0.99
N PHE A 243 -9.79 1.48 -2.13
CA PHE A 243 -9.53 0.05 -2.23
C PHE A 243 -8.30 -0.39 -1.45
N ALA A 244 -7.47 0.54 -0.99
CA ALA A 244 -6.34 0.21 -0.15
C ALA A 244 -6.58 0.51 1.31
N LEU A 245 -7.81 0.88 1.68
CA LEU A 245 -8.11 1.14 3.08
C LEU A 245 -8.01 -0.12 3.94
N PRO A 246 -8.78 -1.16 3.68
CA PRO A 246 -8.83 -2.26 4.65
C PRO A 246 -7.49 -2.90 4.96
N ALA A 247 -6.54 -2.87 4.02
CA ALA A 247 -5.20 -3.32 4.37
C ALA A 247 -4.62 -2.49 5.50
N GLY A 248 -4.88 -1.19 5.49
CA GLY A 248 -4.37 -0.31 6.51
C GLY A 248 -5.16 -0.37 7.80
N ILE A 249 -6.48 -0.52 7.69
CA ILE A 249 -7.32 -0.59 8.89
C ILE A 249 -7.01 -1.86 9.67
N LEU A 250 -6.89 -2.99 9.00
CA LEU A 250 -6.54 -4.21 9.69
C LEU A 250 -5.09 -4.18 10.16
N GLY A 251 -4.21 -3.53 9.41
CA GLY A 251 -2.84 -3.39 9.87
C GLY A 251 -2.76 -2.67 11.20
N SER A 252 -3.39 -1.50 11.30
CA SER A 252 -3.36 -0.78 12.55
C SER A 252 -4.22 -1.43 13.61
N GLY A 253 -5.21 -2.24 13.23
CA GLY A 253 -5.92 -3.01 14.23
C GLY A 253 -5.04 -4.04 14.89
N PHE A 254 -4.28 -4.78 14.08
CA PHE A 254 -3.33 -5.74 14.63
C PHE A 254 -2.34 -5.04 15.56
N ALA A 255 -1.73 -3.95 15.10
CA ALA A 255 -0.68 -3.33 15.88
C ALA A 255 -1.21 -2.77 17.19
N LEU A 256 -2.41 -2.20 17.18
CA LEU A 256 -2.97 -1.68 18.41
C LEU A 256 -3.28 -2.79 19.38
N LYS A 257 -3.82 -3.90 18.89
CA LYS A 257 -4.15 -5.01 19.79
C LYS A 257 -2.90 -5.57 20.44
N VAL A 258 -1.79 -5.61 19.71
CA VAL A 258 -0.56 -6.10 20.33
C VAL A 258 -0.07 -5.11 21.37
N GLN A 259 -0.25 -3.82 21.16
CA GLN A 259 0.19 -2.87 22.18
C GLN A 259 -0.64 -3.01 23.45
N GLU A 260 -1.96 -3.19 23.32
CA GLU A 260 -2.79 -3.37 24.50
C GLU A 260 -2.40 -4.62 25.26
N GLN A 261 -2.25 -5.74 24.54
CA GLN A 261 -1.89 -6.98 25.22
C GLN A 261 -0.54 -6.85 25.91
N HIS A 262 0.40 -6.15 25.30
CA HIS A 262 1.68 -5.96 25.96
C HIS A 262 1.52 -5.12 27.22
N ARG A 263 0.66 -4.10 27.17
CA ARG A 263 0.44 -3.28 28.35
C ARG A 263 -0.11 -4.12 29.50
N GLN A 264 -1.10 -4.97 29.22
CA GLN A 264 -1.66 -5.80 30.28
C GLN A 264 -0.64 -6.79 30.82
N LYS A 265 0.33 -7.20 30.00
CA LYS A 265 1.48 -7.90 30.55
C LYS A 265 2.23 -6.99 31.51
N HIS A 266 2.38 -5.72 31.15
CA HIS A 266 2.91 -4.71 32.06
C HIS A 266 1.98 -4.46 33.24
N PHE A 267 0.71 -4.80 33.12
CA PHE A 267 -0.27 -4.60 34.18
C PHE A 267 -0.47 -3.11 34.44
N ARG B 8 -54.31 -9.54 20.32
CA ARG B 8 -54.88 -9.26 19.00
C ARG B 8 -54.50 -7.86 18.57
N ASN B 9 -55.31 -6.86 18.92
CA ASN B 9 -54.93 -5.48 18.65
C ASN B 9 -53.67 -5.12 19.42
N ALA B 10 -53.52 -5.64 20.63
CA ALA B 10 -52.24 -5.52 21.33
C ALA B 10 -51.13 -6.18 20.51
N PHE B 11 -51.37 -7.40 20.04
CA PHE B 11 -50.46 -8.01 19.10
C PHE B 11 -50.35 -7.17 17.84
N TYR B 12 -51.42 -6.48 17.47
CA TYR B 12 -51.38 -5.55 16.34
C TYR B 12 -50.29 -4.50 16.53
N ARG B 13 -50.37 -3.76 17.64
CA ARG B 13 -49.39 -2.70 17.88
C ARG B 13 -48.00 -3.28 18.03
N LYS B 14 -47.86 -4.39 18.77
CA LYS B 14 -46.54 -4.97 18.96
C LYS B 14 -45.96 -5.47 17.65
N LEU B 15 -46.80 -6.06 16.80
CA LEU B 15 -46.34 -6.49 15.49
C LEU B 15 -45.87 -5.30 14.66
N GLN B 16 -46.77 -4.34 14.43
CA GLN B 16 -46.45 -3.19 13.61
C GLN B 16 -45.17 -2.50 14.06
N ASN B 17 -44.99 -2.37 15.38
CA ASN B 17 -43.73 -1.84 15.88
C ASN B 17 -42.56 -2.73 15.48
N PHE B 18 -42.71 -4.05 15.61
CA PHE B 18 -41.61 -4.93 15.27
C PHE B 18 -41.24 -4.78 13.79
N LEU B 19 -42.24 -4.76 12.93
CA LEU B 19 -42.02 -4.54 11.51
C LEU B 19 -41.24 -3.25 11.30
N TYR B 20 -41.62 -2.18 12.01
CA TYR B 20 -40.92 -0.93 11.86
C TYR B 20 -39.45 -1.06 12.25
N ASN B 21 -39.15 -1.91 13.23
CA ASN B 21 -37.76 -2.00 13.69
C ASN B 21 -36.92 -2.89 12.79
N VAL B 22 -37.49 -3.94 12.21
CA VAL B 22 -36.73 -4.78 11.29
C VAL B 22 -36.49 -4.05 9.97
N LEU B 23 -37.54 -3.51 9.39
CA LEU B 23 -37.38 -2.69 8.19
C LEU B 23 -36.45 -1.52 8.46
N GLU B 24 -36.57 -0.92 9.63
CA GLU B 24 -35.67 0.13 10.10
C GLU B 24 -34.52 -0.52 10.89
N ARG B 25 -33.85 0.27 11.73
CA ARG B 25 -32.64 -0.14 12.42
C ARG B 25 -32.76 -1.55 13.00
N PRO B 26 -32.09 -2.53 12.39
CA PRO B 26 -32.07 -3.87 12.96
C PRO B 26 -30.82 -4.07 13.77
N ARG B 27 -30.82 -4.98 14.75
CA ARG B 27 -29.64 -5.20 15.58
C ARG B 27 -28.95 -6.53 15.31
N GLY B 28 -29.65 -7.65 15.47
CA GLY B 28 -28.97 -8.93 15.32
C GLY B 28 -29.58 -9.94 14.36
N TRP B 29 -30.88 -9.85 14.12
CA TRP B 29 -31.59 -10.89 13.40
C TRP B 29 -32.17 -10.43 12.07
N ALA B 30 -32.67 -9.20 12.02
CA ALA B 30 -33.19 -8.68 10.76
C ALA B 30 -32.08 -8.42 9.76
N PHE B 31 -30.83 -8.33 10.23
CA PHE B 31 -29.74 -8.04 9.33
C PHE B 31 -29.57 -9.15 8.29
N ILE B 32 -29.90 -10.39 8.67
CA ILE B 32 -29.88 -11.47 7.68
C ILE B 32 -30.92 -11.21 6.60
N TYR B 33 -32.09 -10.71 6.99
CA TYR B 33 -33.10 -10.37 5.99
C TYR B 33 -32.56 -9.35 4.99
N HIS B 34 -31.98 -8.27 5.51
CA HIS B 34 -31.41 -7.27 4.61
C HIS B 34 -30.30 -7.86 3.76
N ALA B 35 -29.52 -8.78 4.32
CA ALA B 35 -28.47 -9.41 3.55
C ALA B 35 -29.03 -10.19 2.37
N TYR B 36 -30.20 -10.80 2.54
CA TYR B 36 -30.77 -11.55 1.42
C TYR B 36 -31.33 -10.63 0.36
N VAL B 37 -31.92 -9.50 0.76
CA VAL B 37 -32.35 -8.55 -0.26
C VAL B 37 -31.15 -7.99 -1.00
N PHE B 38 -30.04 -7.77 -0.29
CA PHE B 38 -28.86 -7.26 -0.96
C PHE B 38 -28.31 -8.29 -1.94
N LEU B 39 -28.30 -9.56 -1.57
CA LEU B 39 -27.84 -10.58 -2.50
C LEU B 39 -28.75 -10.65 -3.71
N LEU B 40 -30.03 -10.34 -3.52
CA LEU B 40 -30.94 -10.26 -4.66
C LEU B 40 -30.48 -9.19 -5.64
N VAL B 41 -30.36 -7.95 -5.17
CA VAL B 41 -29.97 -6.87 -6.08
C VAL B 41 -28.56 -7.08 -6.61
N PHE B 42 -27.69 -7.70 -5.83
CA PHE B 42 -26.33 -7.94 -6.29
C PHE B 42 -26.32 -8.87 -7.49
N SER B 43 -26.99 -10.02 -7.37
CA SER B 43 -27.04 -10.94 -8.51
C SER B 43 -27.76 -10.32 -9.69
N CYS B 44 -28.70 -9.42 -9.44
CA CYS B 44 -29.28 -8.69 -10.55
C CYS B 44 -28.23 -7.86 -11.28
N LEU B 45 -27.36 -7.20 -10.53
CA LEU B 45 -26.31 -6.40 -11.15
C LEU B 45 -25.33 -7.26 -11.92
N VAL B 46 -24.91 -8.37 -11.33
CA VAL B 46 -23.95 -9.25 -12.01
C VAL B 46 -24.59 -9.85 -13.26
N LEU B 47 -25.88 -10.21 -13.18
CA LEU B 47 -26.51 -10.81 -14.34
C LEU B 47 -26.69 -9.81 -15.46
N SER B 48 -26.91 -8.54 -15.14
CA SER B 48 -26.95 -7.55 -16.20
C SER B 48 -25.59 -7.40 -16.85
N VAL B 49 -24.53 -7.40 -16.04
CA VAL B 49 -23.18 -7.30 -16.58
C VAL B 49 -22.91 -8.45 -17.53
N PHE B 50 -23.40 -9.64 -17.19
CA PHE B 50 -23.30 -10.76 -18.13
C PHE B 50 -24.15 -10.54 -19.35
N SER B 51 -25.33 -9.96 -19.17
CA SER B 51 -26.29 -9.87 -20.26
C SER B 51 -25.86 -8.90 -21.36
N THR B 52 -24.88 -8.04 -21.10
CA THR B 52 -24.47 -7.11 -22.14
C THR B 52 -23.74 -7.80 -23.27
N ILE B 53 -22.82 -8.71 -22.95
CA ILE B 53 -21.99 -9.31 -23.99
C ILE B 53 -22.81 -10.30 -24.79
N LYS B 54 -22.87 -10.08 -26.10
CA LYS B 54 -23.80 -10.81 -26.95
C LYS B 54 -23.43 -12.24 -27.16
N GLU B 55 -22.41 -12.80 -26.51
CA GLU B 55 -22.19 -14.23 -26.59
C GLU B 55 -23.00 -14.99 -25.56
N TYR B 56 -23.28 -14.37 -24.41
CA TYR B 56 -24.08 -14.97 -23.35
C TYR B 56 -25.35 -14.16 -23.17
N GLU B 57 -25.97 -13.75 -24.27
CA GLU B 57 -27.13 -12.88 -24.20
C GLU B 57 -28.41 -13.66 -23.91
N LYS B 58 -28.76 -14.60 -24.78
CA LYS B 58 -30.01 -15.32 -24.60
C LYS B 58 -30.03 -16.16 -23.34
N SER B 59 -28.88 -16.53 -22.80
CA SER B 59 -28.88 -17.35 -21.61
C SER B 59 -29.07 -16.55 -20.32
N SER B 60 -29.41 -15.26 -20.41
CA SER B 60 -29.62 -14.50 -19.18
C SER B 60 -30.82 -13.58 -19.21
N GLU B 61 -31.48 -13.40 -20.36
CA GLU B 61 -32.57 -12.43 -20.44
C GLU B 61 -33.74 -12.87 -19.58
N GLY B 62 -34.17 -14.13 -19.71
CA GLY B 62 -35.31 -14.61 -18.96
C GLY B 62 -35.08 -14.53 -17.46
N ALA B 63 -33.88 -14.92 -17.02
CA ALA B 63 -33.55 -14.81 -15.61
C ALA B 63 -33.62 -13.36 -15.16
N LEU B 64 -33.15 -12.43 -16.00
CA LEU B 64 -33.19 -11.03 -15.63
C LEU B 64 -34.63 -10.53 -15.54
N TYR B 65 -35.52 -11.04 -16.39
CA TYR B 65 -36.91 -10.63 -16.33
C TYR B 65 -37.55 -11.08 -15.01
N ILE B 66 -37.44 -12.36 -14.69
CA ILE B 66 -38.01 -12.85 -13.44
C ILE B 66 -37.41 -12.12 -12.24
N LEU B 67 -36.09 -12.03 -12.17
CA LEU B 67 -35.46 -11.42 -11.00
C LEU B 67 -35.76 -9.93 -10.92
N GLU B 68 -35.90 -9.27 -12.06
CA GLU B 68 -36.21 -7.85 -12.01
C GLU B 68 -37.59 -7.62 -11.41
N ILE B 69 -38.58 -8.41 -11.82
CA ILE B 69 -39.91 -8.24 -11.27
C ILE B 69 -39.90 -8.58 -9.78
N VAL B 70 -39.15 -9.60 -9.39
CA VAL B 70 -39.08 -9.95 -7.98
C VAL B 70 -38.51 -8.78 -7.19
N THR B 71 -37.58 -8.03 -7.79
CA THR B 71 -37.05 -6.85 -7.13
C THR B 71 -38.14 -5.81 -6.91
N ILE B 72 -38.93 -5.54 -7.96
CA ILE B 72 -40.01 -4.57 -7.80
C ILE B 72 -41.03 -5.06 -6.78
N VAL B 73 -41.28 -6.36 -6.75
CA VAL B 73 -42.20 -6.92 -5.76
C VAL B 73 -41.72 -6.59 -4.35
N VAL B 74 -40.52 -7.04 -4.02
CA VAL B 74 -40.08 -6.94 -2.63
C VAL B 74 -39.86 -5.49 -2.23
N PHE B 75 -39.40 -4.64 -3.15
CA PHE B 75 -39.16 -3.25 -2.78
C PHE B 75 -40.46 -2.50 -2.58
N GLY B 76 -41.43 -2.70 -3.46
CA GLY B 76 -42.73 -2.06 -3.25
C GLY B 76 -43.39 -2.51 -1.97
N VAL B 77 -43.30 -3.80 -1.67
CA VAL B 77 -43.87 -4.31 -0.42
C VAL B 77 -43.16 -3.69 0.78
N GLU B 78 -41.82 -3.64 0.73
CA GLU B 78 -41.07 -2.98 1.79
C GLU B 78 -41.52 -1.53 1.96
N TYR B 79 -41.69 -0.81 0.87
CA TYR B 79 -42.02 0.60 0.96
C TYR B 79 -43.40 0.81 1.57
N PHE B 80 -44.40 0.05 1.12
CA PHE B 80 -45.72 0.21 1.72
C PHE B 80 -45.67 -0.08 3.22
N VAL B 81 -44.88 -1.08 3.62
CA VAL B 81 -44.76 -1.29 5.06
C VAL B 81 -43.97 -0.17 5.71
N ARG B 82 -43.03 0.45 4.97
CA ARG B 82 -42.30 1.60 5.51
C ARG B 82 -43.26 2.72 5.87
N ILE B 83 -44.33 2.87 5.12
CA ILE B 83 -45.31 3.91 5.42
C ILE B 83 -46.31 3.43 6.46
N TRP B 84 -46.93 2.27 6.22
CA TRP B 84 -47.96 1.79 7.13
C TRP B 84 -47.44 1.59 8.54
N ALA B 85 -46.17 1.21 8.69
CA ALA B 85 -45.58 0.97 9.99
C ALA B 85 -44.80 2.17 10.49
N ALA B 86 -45.17 3.38 10.07
CA ALA B 86 -44.44 4.57 10.50
C ALA B 86 -44.86 5.03 11.88
N GLY B 87 -46.09 4.73 12.30
CA GLY B 87 -46.59 5.19 13.58
C GLY B 87 -46.16 4.37 14.78
N CYS B 88 -45.03 3.67 14.66
CA CYS B 88 -44.55 2.83 15.75
C CYS B 88 -43.72 3.61 16.76
N CYS B 89 -43.08 4.68 16.32
CA CYS B 89 -42.45 5.61 17.25
C CYS B 89 -43.50 6.60 17.76
N CYS B 90 -43.08 7.52 18.63
CA CYS B 90 -44.02 8.43 19.24
C CYS B 90 -44.62 9.41 18.23
N ARG B 91 -43.85 9.83 17.24
CA ARG B 91 -44.25 10.96 16.42
C ARG B 91 -45.43 10.63 15.51
N TYR B 92 -45.24 9.69 14.60
CA TYR B 92 -46.14 9.54 13.46
C TYR B 92 -47.40 8.77 13.84
N ARG B 93 -48.51 9.15 13.22
CA ARG B 93 -49.80 8.55 13.48
C ARG B 93 -50.82 9.22 12.57
N GLY B 94 -51.94 8.53 12.37
CA GLY B 94 -53.05 9.13 11.65
C GLY B 94 -52.66 9.43 10.22
N TRP B 95 -52.69 10.72 9.87
CA TRP B 95 -52.36 11.15 8.52
C TRP B 95 -51.41 12.34 8.47
N ARG B 96 -51.27 13.12 9.54
CA ARG B 96 -50.40 14.28 9.51
C ARG B 96 -48.94 13.88 9.73
N GLY B 97 -48.68 13.03 10.71
CA GLY B 97 -47.33 12.55 10.93
C GLY B 97 -46.84 11.71 9.77
N ARG B 98 -47.70 10.84 9.24
CA ARG B 98 -47.32 10.03 8.10
C ARG B 98 -47.09 10.91 6.87
N LEU B 99 -48.00 11.85 6.63
CA LEU B 99 -47.85 12.77 5.51
C LEU B 99 -46.52 13.50 5.57
N LYS B 100 -46.21 14.11 6.71
CA LYS B 100 -44.95 14.84 6.80
C LYS B 100 -43.76 13.91 6.71
N PHE B 101 -43.91 12.65 7.12
CA PHE B 101 -42.80 11.70 7.03
C PHE B 101 -42.45 11.42 5.58
N ALA B 102 -43.45 11.14 4.76
CA ALA B 102 -43.16 10.90 3.35
C ALA B 102 -42.56 12.13 2.70
N ARG B 103 -42.74 13.32 3.29
CA ARG B 103 -42.11 14.51 2.77
C ARG B 103 -40.60 14.48 2.89
N LYS B 104 -40.04 13.55 3.68
CA LYS B 104 -38.60 13.46 3.81
C LYS B 104 -37.95 13.20 2.45
N PRO B 105 -36.65 13.48 2.34
CA PRO B 105 -36.00 13.31 1.03
C PRO B 105 -35.91 11.86 0.59
N PHE B 106 -35.55 10.97 1.51
CA PHE B 106 -35.35 9.57 1.15
C PHE B 106 -36.63 8.95 0.62
N CYS B 107 -37.74 9.13 1.33
CA CYS B 107 -38.98 8.49 0.90
C CYS B 107 -39.48 9.07 -0.40
N VAL B 108 -39.25 10.36 -0.64
CA VAL B 108 -39.57 10.94 -1.94
C VAL B 108 -38.80 10.24 -3.04
N ILE B 109 -37.48 10.20 -2.91
CA ILE B 109 -36.65 9.63 -3.96
C ILE B 109 -36.92 8.15 -4.11
N ASP B 110 -37.29 7.48 -3.01
CA ASP B 110 -37.61 6.06 -3.08
C ASP B 110 -38.87 5.82 -3.89
N ILE B 111 -39.95 6.53 -3.56
CA ILE B 111 -41.21 6.31 -4.27
C ILE B 111 -41.07 6.73 -5.72
N MET B 112 -40.30 7.79 -5.99
CA MET B 112 -40.04 8.18 -7.35
C MET B 112 -39.38 7.04 -8.13
N VAL B 113 -38.29 6.50 -7.60
CA VAL B 113 -37.57 5.46 -8.32
C VAL B 113 -38.40 4.19 -8.42
N LEU B 114 -39.29 3.95 -7.46
CA LEU B 114 -40.16 2.78 -7.57
C LEU B 114 -41.09 2.89 -8.77
N ILE B 115 -41.74 4.04 -8.92
CA ILE B 115 -42.63 4.22 -10.06
C ILE B 115 -41.84 4.20 -11.36
N ALA B 116 -40.66 4.83 -11.37
CA ALA B 116 -39.84 4.83 -12.57
C ALA B 116 -39.41 3.43 -12.95
N SER B 117 -39.17 2.57 -11.96
CA SER B 117 -38.87 1.17 -12.25
C SER B 117 -40.05 0.48 -12.92
N ILE B 118 -41.27 0.76 -12.45
CA ILE B 118 -42.44 0.24 -13.13
C ILE B 118 -42.47 0.75 -14.57
N ALA B 119 -42.04 1.99 -14.78
CA ALA B 119 -41.90 2.50 -16.15
C ALA B 119 -40.85 1.70 -16.91
N VAL B 120 -39.83 1.21 -16.22
CA VAL B 120 -38.82 0.39 -16.87
C VAL B 120 -39.45 -0.89 -17.40
N LEU B 121 -40.27 -1.54 -16.59
CA LEU B 121 -40.98 -2.72 -17.07
C LEU B 121 -42.16 -2.35 -17.94
N ALA B 122 -42.44 -1.06 -18.12
CA ALA B 122 -43.60 -0.63 -18.89
C ALA B 122 -43.54 -1.17 -20.31
N SER B 133 -30.90 4.14 -24.73
CA SER B 133 -31.23 4.65 -23.39
C SER B 133 -32.06 3.64 -22.62
N ALA B 134 -32.26 2.46 -23.21
CA ALA B 134 -32.95 1.39 -22.49
C ALA B 134 -31.97 0.65 -21.59
N LEU B 135 -30.96 0.03 -22.18
CA LEU B 135 -29.99 -0.71 -21.38
C LEU B 135 -29.08 0.23 -20.61
N ARG B 136 -28.77 1.39 -21.18
CA ARG B 136 -27.97 2.38 -20.48
C ARG B 136 -28.69 2.89 -19.24
N SER B 137 -29.97 3.24 -19.38
CA SER B 137 -30.72 3.67 -18.22
C SER B 137 -30.92 2.53 -17.23
N LEU B 138 -30.96 1.28 -17.71
CA LEU B 138 -30.98 0.16 -16.77
C LEU B 138 -29.69 0.13 -15.96
N ARG B 139 -28.55 0.32 -16.61
CA ARG B 139 -27.30 0.45 -15.87
C ARG B 139 -27.41 1.55 -14.82
N PHE B 140 -28.06 2.65 -15.18
CA PHE B 140 -28.21 3.76 -14.24
C PHE B 140 -29.03 3.35 -13.02
N LEU B 141 -30.21 2.75 -13.25
CA LEU B 141 -31.04 2.37 -12.12
C LEU B 141 -30.39 1.28 -11.28
N GLN B 142 -29.69 0.35 -11.92
CA GLN B 142 -29.02 -0.70 -11.16
C GLN B 142 -27.98 -0.10 -10.24
N ILE B 143 -27.28 0.94 -10.69
CA ILE B 143 -26.38 1.65 -9.80
C ILE B 143 -27.16 2.23 -8.63
N LEU B 144 -28.32 2.84 -8.92
CA LEU B 144 -29.03 3.57 -7.88
C LEU B 144 -29.54 2.64 -6.79
N ARG B 145 -30.05 1.47 -7.16
CA ARG B 145 -30.58 0.57 -6.15
C ARG B 145 -29.52 0.18 -5.14
N MET B 146 -28.25 0.18 -5.53
CA MET B 146 -27.20 -0.11 -4.56
C MET B 146 -27.11 0.97 -3.50
N ILE B 147 -27.39 2.23 -3.88
CA ILE B 147 -27.36 3.29 -2.89
C ILE B 147 -28.48 3.15 -1.89
N ARG B 148 -29.56 2.48 -2.27
CA ARG B 148 -30.64 2.20 -1.35
C ARG B 148 -30.18 1.38 -0.16
N MET B 149 -29.13 0.57 -0.33
CA MET B 149 -28.72 -0.33 0.72
C MET B 149 -28.20 0.38 1.95
N ASP B 150 -27.92 1.67 1.87
CA ASP B 150 -27.50 2.46 3.01
C ASP B 150 -28.59 3.51 3.27
N ARG B 151 -29.58 3.13 4.08
CA ARG B 151 -30.68 4.05 4.34
C ARG B 151 -30.25 5.19 5.24
N ARG B 152 -29.72 4.87 6.42
CA ARG B 152 -29.41 5.90 7.38
C ARG B 152 -28.15 6.69 7.04
N GLY B 153 -27.51 6.41 5.91
CA GLY B 153 -26.27 7.08 5.60
C GLY B 153 -25.22 6.82 6.65
N GLY B 154 -25.05 5.55 7.02
CA GLY B 154 -24.07 5.22 8.04
C GLY B 154 -22.66 5.29 7.49
N THR B 155 -22.42 4.65 6.35
CA THR B 155 -21.08 4.62 5.79
C THR B 155 -20.61 6.02 5.43
N TRP B 156 -21.44 6.78 4.75
CA TRP B 156 -21.06 8.14 4.38
C TRP B 156 -20.77 8.98 5.61
N LYS B 157 -21.59 8.86 6.65
CA LYS B 157 -21.39 9.68 7.84
C LYS B 157 -20.08 9.35 8.51
N LEU B 158 -19.75 8.06 8.63
CA LEU B 158 -18.51 7.69 9.28
C LEU B 158 -17.30 8.15 8.47
N LEU B 159 -17.33 7.96 7.16
CA LEU B 159 -16.21 8.39 6.34
C LEU B 159 -16.00 9.89 6.42
N GLY B 160 -17.07 10.66 6.40
CA GLY B 160 -16.92 12.10 6.50
C GLY B 160 -16.37 12.52 7.85
N SER B 161 -16.77 11.83 8.91
CA SER B 161 -16.23 12.14 10.22
C SER B 161 -14.71 12.02 10.23
N VAL B 162 -14.20 10.85 9.84
CA VAL B 162 -12.77 10.60 9.93
C VAL B 162 -12.01 11.53 9.00
N VAL B 163 -12.54 11.78 7.80
CA VAL B 163 -11.81 12.64 6.88
C VAL B 163 -11.68 14.04 7.45
N TYR B 164 -12.75 14.56 8.04
CA TYR B 164 -12.70 15.92 8.57
C TYR B 164 -11.65 16.03 9.66
N ALA B 165 -11.65 15.11 10.61
CA ALA B 165 -10.70 15.22 11.71
C ALA B 165 -9.28 15.16 11.22
N HIS B 166 -9.03 14.54 10.07
CA HIS B 166 -7.71 14.47 9.47
C HIS B 166 -7.58 15.40 8.26
N SER B 167 -8.23 16.55 8.30
CA SER B 167 -8.23 17.43 7.14
C SER B 167 -6.83 17.93 6.83
N LYS B 168 -6.09 18.37 7.85
CA LYS B 168 -4.81 19.01 7.59
C LYS B 168 -3.80 18.02 7.02
N GLU B 169 -3.81 16.77 7.49
CA GLU B 169 -2.82 15.81 7.04
C GLU B 169 -3.17 15.25 5.67
N LEU B 170 -4.45 15.05 5.39
CA LEU B 170 -4.84 14.68 4.03
C LEU B 170 -4.41 15.75 3.04
N VAL B 171 -4.54 17.02 3.42
CA VAL B 171 -4.24 18.09 2.48
C VAL B 171 -2.74 18.20 2.25
N THR B 172 -1.94 18.00 3.29
CA THR B 172 -0.50 18.02 3.07
C THR B 172 -0.04 16.84 2.24
N ALA B 173 -0.67 15.67 2.41
CA ALA B 173 -0.31 14.52 1.61
C ALA B 173 -0.61 14.76 0.14
N TRP B 174 -1.83 15.23 -0.15
CA TRP B 174 -2.22 15.44 -1.54
C TRP B 174 -1.51 16.64 -2.15
N TYR B 175 -1.24 17.67 -1.36
CA TYR B 175 -0.60 18.85 -1.90
C TYR B 175 0.85 18.56 -2.26
N ILE B 176 1.61 17.98 -1.33
CA ILE B 176 3.01 17.71 -1.63
C ILE B 176 3.15 16.62 -2.67
N GLY B 177 2.22 15.67 -2.69
CA GLY B 177 2.24 14.68 -3.76
C GLY B 177 2.00 15.33 -5.11
N PHE B 178 1.12 16.32 -5.15
CA PHE B 178 0.86 17.02 -6.41
C PHE B 178 2.08 17.79 -6.87
N LEU B 179 2.77 18.47 -5.96
CA LEU B 179 4.01 19.14 -6.34
C LEU B 179 5.01 18.15 -6.90
N CYS B 180 5.14 16.98 -6.27
CA CYS B 180 6.11 15.99 -6.75
C CYS B 180 5.71 15.46 -8.12
N LEU B 181 4.41 15.30 -8.37
CA LEU B 181 3.97 14.85 -9.69
C LEU B 181 4.31 15.87 -10.76
N ILE B 182 4.10 17.15 -10.48
CA ILE B 182 4.36 18.18 -11.48
C ILE B 182 5.85 18.26 -11.77
N LEU B 183 6.67 18.30 -10.74
CA LEU B 183 8.09 18.45 -10.95
C LEU B 183 8.68 17.24 -11.64
N ALA B 184 8.29 16.04 -11.22
CA ALA B 184 8.86 14.84 -11.82
C ALA B 184 8.45 14.71 -13.27
N SER B 185 7.20 15.02 -13.59
CA SER B 185 6.74 14.90 -14.95
C SER B 185 7.41 15.93 -15.85
N PHE B 186 7.61 17.14 -15.37
CA PHE B 186 8.32 18.13 -16.16
C PHE B 186 9.74 17.70 -16.45
N LEU B 187 10.47 17.28 -15.42
CA LEU B 187 11.87 16.91 -15.61
C LEU B 187 12.02 15.72 -16.55
N VAL B 188 11.21 14.68 -16.38
CA VAL B 188 11.33 13.54 -17.27
C VAL B 188 10.92 13.91 -18.68
N TYR B 189 10.02 14.88 -18.82
CA TYR B 189 9.68 15.38 -20.14
C TYR B 189 10.90 15.94 -20.85
N LEU B 190 11.56 16.90 -20.22
CA LEU B 190 12.75 17.49 -20.82
C LEU B 190 13.82 16.44 -21.10
N ALA B 191 13.96 15.47 -20.21
CA ALA B 191 14.98 14.45 -20.36
C ALA B 191 14.77 13.56 -21.57
N GLU B 192 13.53 13.11 -21.82
CA GLU B 192 13.30 12.18 -22.91
C GLU B 192 12.42 12.66 -24.06
N LYS B 193 12.16 13.95 -24.21
CA LYS B 193 11.24 14.34 -25.27
C LYS B 193 11.73 13.94 -26.66
N GLY B 194 12.98 14.22 -26.99
CA GLY B 194 13.48 13.83 -28.29
C GLY B 194 13.69 12.33 -28.47
N GLU B 195 14.32 11.70 -27.48
CA GLU B 195 14.64 10.27 -27.54
C GLU B 195 13.44 9.33 -27.49
N ASN B 196 12.44 9.61 -26.67
CA ASN B 196 11.35 8.65 -26.48
C ASN B 196 10.02 9.07 -27.10
N ASP B 197 9.44 8.16 -27.88
CA ASP B 197 8.15 8.38 -28.52
C ASP B 197 7.03 8.51 -27.51
N HIS B 198 7.06 7.68 -26.47
CA HIS B 198 6.01 7.72 -25.46
C HIS B 198 5.73 9.14 -25.00
N PHE B 199 6.74 9.84 -24.55
CA PHE B 199 6.61 11.23 -24.15
C PHE B 199 6.68 12.12 -25.38
N ASP B 200 5.58 12.81 -25.70
CA ASP B 200 5.63 13.75 -26.80
C ASP B 200 5.07 15.09 -26.38
N THR B 201 4.16 15.10 -25.40
CA THR B 201 3.59 16.33 -24.91
C THR B 201 3.70 16.35 -23.40
N TYR B 202 3.46 17.51 -22.81
CA TYR B 202 3.36 17.57 -21.37
C TYR B 202 2.14 16.82 -20.87
N ALA B 203 1.18 16.57 -21.75
CA ALA B 203 0.03 15.77 -21.36
C ALA B 203 0.44 14.33 -21.10
N ASP B 204 1.34 13.78 -21.94
CA ASP B 204 1.77 12.42 -21.73
C ASP B 204 2.71 12.30 -20.54
N ALA B 205 3.53 13.31 -20.29
CA ALA B 205 4.38 13.27 -19.10
C ALA B 205 3.54 13.32 -17.84
N LEU B 206 2.45 14.07 -17.84
CA LEU B 206 1.58 14.05 -16.68
C LEU B 206 0.85 12.72 -16.56
N TRP B 207 0.50 12.08 -17.68
CA TRP B 207 -0.17 10.80 -17.60
C TRP B 207 0.75 9.75 -17.01
N TRP B 208 1.97 9.64 -17.54
CA TRP B 208 2.93 8.71 -16.96
C TRP B 208 3.14 8.99 -15.49
N GLY B 209 3.34 10.25 -15.13
CA GLY B 209 3.64 10.56 -13.74
C GLY B 209 2.48 10.21 -12.83
N LEU B 210 1.26 10.41 -13.30
CA LEU B 210 0.11 10.11 -12.45
C LEU B 210 -0.10 8.62 -12.32
N ILE B 211 0.26 7.85 -13.35
CA ILE B 211 -0.02 6.43 -13.36
C ILE B 211 1.20 5.64 -12.92
N THR B 212 2.24 6.33 -12.48
CA THR B 212 3.43 5.76 -11.88
C THR B 212 3.53 6.04 -10.41
N LEU B 213 3.16 7.23 -9.95
CA LEU B 213 3.25 7.48 -8.53
C LEU B 213 2.12 6.83 -7.76
N THR B 214 1.00 6.56 -8.40
CA THR B 214 -0.04 5.77 -7.76
C THR B 214 0.27 4.28 -7.81
N THR B 215 1.43 3.91 -8.32
CA THR B 215 1.89 2.53 -8.38
C THR B 215 0.98 1.65 -9.21
N ILE B 216 0.25 2.21 -10.16
CA ILE B 216 -0.44 1.36 -11.11
C ILE B 216 0.53 0.83 -12.14
N GLY B 217 1.13 1.71 -12.89
CA GLY B 217 2.14 1.26 -13.83
C GLY B 217 1.53 0.38 -14.89
N TYR B 218 0.74 0.96 -15.77
CA TYR B 218 0.20 0.20 -16.89
C TYR B 218 1.33 -0.37 -17.71
N GLY B 219 2.32 0.43 -17.99
CA GLY B 219 3.49 0.01 -18.73
C GLY B 219 3.58 0.52 -20.13
N ASP B 220 2.69 1.41 -20.55
CA ASP B 220 2.71 1.93 -21.90
C ASP B 220 3.63 3.13 -22.06
N LYS B 221 4.02 3.78 -20.99
CA LYS B 221 4.94 4.91 -21.05
C LYS B 221 5.95 4.74 -19.93
N TYR B 222 7.21 4.49 -20.28
CA TYR B 222 8.26 4.43 -19.28
C TYR B 222 9.50 5.13 -19.79
N PRO B 223 10.27 5.75 -18.91
CA PRO B 223 11.52 6.37 -19.33
C PRO B 223 12.47 5.36 -19.96
N GLN B 224 13.08 5.76 -21.06
CA GLN B 224 14.01 4.93 -21.82
C GLN B 224 15.27 5.69 -22.15
N THR B 225 15.86 6.31 -21.13
CA THR B 225 17.05 7.14 -21.31
C THR B 225 17.75 7.26 -19.98
N TRP B 226 19.09 7.27 -20.01
CA TRP B 226 19.82 7.33 -18.76
C TRP B 226 19.38 8.54 -17.94
N ASN B 227 19.09 9.64 -18.61
CA ASN B 227 18.60 10.81 -17.91
C ASN B 227 17.20 10.58 -17.36
N GLY B 228 16.32 9.99 -18.17
CA GLY B 228 14.98 9.72 -17.69
C GLY B 228 14.97 8.73 -16.55
N ARG B 229 15.68 7.62 -16.69
CA ARG B 229 15.65 6.61 -15.66
C ARG B 229 16.30 7.11 -14.38
N LEU B 230 17.35 7.92 -14.50
CA LEU B 230 18.00 8.44 -13.31
C LEU B 230 17.14 9.46 -12.59
N LEU B 231 16.28 10.18 -13.31
CA LEU B 231 15.36 11.10 -12.65
C LEU B 231 14.18 10.37 -12.03
N ALA B 232 13.61 9.41 -12.77
CA ALA B 232 12.48 8.67 -12.22
C ALA B 232 12.89 7.85 -11.02
N ALA B 233 14.16 7.42 -10.95
CA ALA B 233 14.58 6.58 -9.86
C ALA B 233 14.57 7.31 -8.53
N THR B 234 14.93 8.60 -8.52
CA THR B 234 14.81 9.36 -7.29
C THR B 234 13.37 9.68 -6.98
N PHE B 235 12.61 10.11 -7.98
CA PHE B 235 11.28 10.62 -7.69
C PHE B 235 10.28 9.52 -7.37
N THR B 236 10.50 8.28 -7.81
CA THR B 236 9.60 7.22 -7.36
C THR B 236 9.75 6.97 -5.87
N LEU B 237 10.98 6.82 -5.40
CA LEU B 237 11.20 6.56 -3.99
C LEU B 237 10.52 7.60 -3.12
N ILE B 238 10.54 8.86 -3.54
CA ILE B 238 9.89 9.90 -2.73
C ILE B 238 8.39 9.94 -3.01
N GLY B 239 8.02 10.07 -4.28
CA GLY B 239 6.64 10.35 -4.60
C GLY B 239 5.70 9.21 -4.26
N VAL B 240 6.11 7.97 -4.53
CA VAL B 240 5.21 6.84 -4.33
C VAL B 240 4.71 6.83 -2.90
N SER B 241 5.60 7.12 -1.96
CA SER B 241 5.19 7.23 -0.57
C SER B 241 4.16 8.33 -0.38
N PHE B 242 4.40 9.49 -0.99
CA PHE B 242 3.45 10.59 -0.85
C PHE B 242 2.06 10.18 -1.32
N PHE B 243 1.96 9.61 -2.52
CA PHE B 243 0.65 9.26 -3.05
C PHE B 243 0.00 8.10 -2.34
N ALA B 244 0.74 7.35 -1.51
CA ALA B 244 0.16 6.29 -0.72
C ALA B 244 -0.04 6.69 0.73
N LEU B 245 0.18 7.96 1.07
CA LEU B 245 -0.04 8.39 2.44
C LEU B 245 -1.50 8.31 2.85
N PRO B 246 -2.43 9.01 2.19
CA PRO B 246 -3.78 9.10 2.74
C PRO B 246 -4.47 7.77 2.96
N ALA B 247 -4.12 6.73 2.19
CA ALA B 247 -4.64 5.41 2.50
C ALA B 247 -4.22 4.98 3.89
N GLY B 248 -2.99 5.30 4.28
CA GLY B 248 -2.49 4.93 5.59
C GLY B 248 -2.97 5.83 6.69
N ILE B 249 -3.10 7.13 6.41
CA ILE B 249 -3.58 8.07 7.42
C ILE B 249 -5.02 7.77 7.79
N LEU B 250 -5.87 7.54 6.79
CA LEU B 250 -7.24 7.19 7.08
C LEU B 250 -7.35 5.80 7.67
N GLY B 251 -6.48 4.88 7.27
CA GLY B 251 -6.47 3.58 7.89
C GLY B 251 -6.24 3.65 9.38
N SER B 252 -5.17 4.34 9.79
CA SER B 252 -4.91 4.45 11.21
C SER B 252 -5.87 5.38 11.91
N GLY B 253 -6.52 6.29 11.18
CA GLY B 253 -7.59 7.06 11.80
C GLY B 253 -8.77 6.19 12.17
N PHE B 254 -9.19 5.33 11.26
CA PHE B 254 -10.26 4.39 11.56
C PHE B 254 -9.90 3.52 12.76
N ALA B 255 -8.71 2.92 12.74
CA ALA B 255 -8.36 1.98 13.78
C ALA B 255 -8.27 2.65 15.14
N LEU B 256 -7.74 3.87 15.19
CA LEU B 256 -7.66 4.57 16.46
C LEU B 256 -9.04 4.91 16.98
N LYS B 257 -9.94 5.36 16.10
CA LYS B 257 -11.28 5.71 16.56
C LYS B 257 -12.00 4.50 17.12
N VAL B 258 -11.79 3.33 16.53
CA VAL B 258 -12.44 2.15 17.07
C VAL B 258 -11.84 1.79 18.43
N GLN B 259 -10.55 2.02 18.63
CA GLN B 259 -9.99 1.72 19.94
C GLN B 259 -10.54 2.65 21.00
N GLU B 260 -10.68 3.94 20.69
CA GLU B 260 -11.25 4.87 21.65
C GLU B 260 -12.69 4.49 22.00
N GLN B 261 -13.50 4.23 20.98
CA GLN B 261 -14.90 3.87 21.25
C GLN B 261 -14.98 2.60 22.09
N HIS B 262 -14.10 1.64 21.83
CA HIS B 262 -14.12 0.44 22.64
C HIS B 262 -13.74 0.75 24.08
N ARG B 263 -12.77 1.65 24.28
CA ARG B 263 -12.40 2.02 25.64
C ARG B 263 -13.57 2.62 26.39
N GLN B 264 -14.30 3.54 25.75
CA GLN B 264 -15.43 4.16 26.41
C GLN B 264 -16.54 3.16 26.70
N LYS B 265 -16.63 2.10 25.90
CA LYS B 265 -17.47 0.98 26.32
C LYS B 265 -16.91 0.36 27.59
N HIS B 266 -15.59 0.24 27.67
CA HIS B 266 -14.92 -0.17 28.91
C HIS B 266 -15.08 0.87 30.01
N PHE B 267 -15.40 2.12 29.65
CA PHE B 267 -15.56 3.20 30.61
C PHE B 267 -14.24 3.50 31.32
N ARG C 8 -16.41 55.45 10.47
CA ARG C 8 -15.73 55.91 9.28
C ARG C 8 -14.25 55.55 9.36
N ASN C 9 -13.44 56.44 9.93
CA ASN C 9 -12.04 56.09 10.17
C ASN C 9 -11.93 54.93 11.13
N ALA C 10 -12.82 54.87 12.12
CA ALA C 10 -12.92 53.67 12.95
C ALA C 10 -13.26 52.46 12.08
N PHE C 11 -14.26 52.60 11.21
CA PHE C 11 -14.52 51.57 10.22
C PHE C 11 -13.31 51.39 9.31
N TYR C 12 -12.55 52.46 9.10
CA TYR C 12 -11.31 52.34 8.33
C TYR C 12 -10.37 51.33 8.96
N ARG C 13 -10.02 51.55 10.23
CA ARG C 13 -9.09 50.64 10.90
C ARG C 13 -9.66 49.24 11.00
N LYS C 14 -10.95 49.12 11.35
CA LYS C 14 -11.55 47.81 11.47
C LYS C 14 -11.58 47.08 10.13
N LEU C 15 -11.87 47.82 9.06
CA LEU C 15 -11.85 47.21 7.73
C LEU C 15 -10.44 46.73 7.40
N GLN C 16 -9.47 47.64 7.40
CA GLN C 16 -8.11 47.31 7.03
C GLN C 16 -7.59 46.11 7.82
N ASN C 17 -7.90 46.05 9.11
CA ASN C 17 -7.54 44.87 9.88
C ASN C 17 -8.24 43.63 9.34
N PHE C 18 -9.52 43.73 9.02
CA PHE C 18 -10.23 42.57 8.51
C PHE C 18 -9.60 42.07 7.23
N LEU C 19 -9.31 42.99 6.31
CA LEU C 19 -8.63 42.64 5.07
C LEU C 19 -7.33 41.91 5.37
N TYR C 20 -6.57 42.40 6.34
CA TYR C 20 -5.32 41.74 6.69
C TYR C 20 -5.55 40.32 7.17
N ASN C 21 -6.67 40.07 7.83
CA ASN C 21 -6.90 38.73 8.37
C ASN C 21 -7.42 37.76 7.33
N VAL C 22 -8.24 38.23 6.38
CA VAL C 22 -8.72 37.35 5.32
C VAL C 22 -7.60 37.02 4.36
N LEU C 23 -6.91 38.04 3.86
CA LEU C 23 -5.74 37.81 3.02
C LEU C 23 -4.71 36.96 3.76
N GLU C 24 -4.52 37.22 5.04
CA GLU C 24 -3.68 36.41 5.91
C GLU C 24 -4.53 35.31 6.56
N ARG C 25 -4.05 34.76 7.67
CA ARG C 25 -4.65 33.60 8.30
C ARG C 25 -6.17 33.70 8.39
N PRO C 26 -6.88 32.94 7.56
CA PRO C 26 -8.35 32.92 7.66
C PRO C 26 -8.78 31.73 8.49
N ARG C 27 -9.96 31.78 9.11
CA ARG C 27 -10.42 30.68 9.94
C ARG C 27 -11.58 29.90 9.32
N GLY C 28 -12.70 30.56 9.04
CA GLY C 28 -13.86 29.82 8.55
C GLY C 28 -14.50 30.28 7.26
N TRP C 29 -14.35 31.56 6.93
CA TRP C 29 -15.11 32.15 5.84
C TRP C 29 -14.25 32.63 4.69
N ALA C 30 -13.08 33.19 4.98
CA ALA C 30 -12.19 33.60 3.91
C ALA C 30 -11.59 32.41 3.17
N PHE C 31 -11.64 31.23 3.78
CA PHE C 31 -11.06 30.06 3.13
C PHE C 31 -11.76 29.75 1.82
N ILE C 32 -13.06 30.06 1.72
CA ILE C 32 -13.76 29.90 0.45
C ILE C 32 -13.17 30.85 -0.59
N TYR C 33 -12.83 32.08 -0.18
CA TYR C 33 -12.20 32.99 -1.11
C TYR C 33 -10.91 32.41 -1.65
N HIS C 34 -10.05 31.94 -0.76
CA HIS C 34 -8.80 31.33 -1.22
C HIS C 34 -9.07 30.13 -2.10
N ALA C 35 -10.12 29.35 -1.79
CA ALA C 35 -10.43 28.21 -2.62
C ALA C 35 -10.80 28.62 -4.04
N TYR C 36 -11.44 29.78 -4.20
CA TYR C 36 -11.80 30.20 -5.55
C TYR C 36 -10.57 30.71 -6.31
N VAL C 37 -9.66 31.38 -5.63
CA VAL C 37 -8.43 31.77 -6.32
C VAL C 37 -7.64 30.52 -6.71
N PHE C 38 -7.65 29.50 -5.86
CA PHE C 38 -6.94 28.29 -6.20
C PHE C 38 -7.58 27.60 -7.39
N LEU C 39 -8.90 27.57 -7.45
CA LEU C 39 -9.55 26.97 -8.63
C LEU C 39 -9.22 27.77 -9.88
N LEU C 40 -9.02 29.07 -9.73
CA LEU C 40 -8.57 29.88 -10.87
C LEU C 40 -7.25 29.37 -11.39
N VAL C 41 -6.22 29.36 -10.54
CA VAL C 41 -4.91 28.94 -11.00
C VAL C 41 -4.91 27.49 -11.43
N PHE C 42 -5.73 26.65 -10.80
CA PHE C 42 -5.79 25.24 -11.17
C PHE C 42 -6.28 25.08 -12.60
N SER C 43 -7.41 25.70 -12.94
CA SER C 43 -7.91 25.61 -14.30
C SER C 43 -6.95 26.24 -15.29
N CYS C 44 -6.19 27.25 -14.86
CA CYS C 44 -5.13 27.77 -15.72
C CYS C 44 -4.11 26.69 -16.04
N LEU C 45 -3.72 25.92 -15.02
CA LEU C 45 -2.74 24.86 -15.23
C LEU C 45 -3.29 23.78 -16.15
N VAL C 46 -4.53 23.35 -15.91
CA VAL C 46 -5.11 22.30 -16.74
C VAL C 46 -5.29 22.79 -18.17
N LEU C 47 -5.67 24.06 -18.34
CA LEU C 47 -5.87 24.56 -19.70
C LEU C 47 -4.56 24.69 -20.44
N SER C 48 -3.46 24.99 -19.75
CA SER C 48 -2.18 24.99 -20.43
C SER C 48 -1.81 23.57 -20.85
N VAL C 49 -2.05 22.59 -19.99
CA VAL C 49 -1.77 21.20 -20.32
C VAL C 49 -2.54 20.79 -21.56
N PHE C 50 -3.78 21.26 -21.68
CA PHE C 50 -4.54 21.01 -22.90
C PHE C 50 -3.92 21.77 -24.08
N SER C 51 -3.46 22.99 -23.84
CA SER C 51 -3.03 23.84 -24.94
C SER C 51 -1.75 23.36 -25.60
N THR C 52 -1.02 22.44 -24.98
CA THR C 52 0.22 22.00 -25.61
C THR C 52 -0.05 21.12 -26.83
N ILE C 53 -1.00 20.20 -26.73
CA ILE C 53 -1.22 19.24 -27.82
C ILE C 53 -1.90 19.94 -28.98
N LYS C 54 -1.27 19.90 -30.14
CA LYS C 54 -1.69 20.71 -31.27
C LYS C 54 -2.96 20.25 -31.90
N GLU C 55 -3.69 19.27 -31.36
CA GLU C 55 -5.01 18.98 -31.88
C GLU C 55 -6.08 19.85 -31.25
N TYR C 56 -5.89 20.25 -29.99
CA TYR C 56 -6.80 21.13 -29.28
C TYR C 56 -6.11 22.45 -28.96
N GLU C 57 -5.37 22.97 -29.93
CA GLU C 57 -4.59 24.18 -29.70
C GLU C 57 -5.44 25.43 -29.81
N LYS C 58 -6.05 25.66 -30.96
CA LYS C 58 -6.80 26.90 -31.16
C LYS C 58 -8.01 27.00 -30.26
N SER C 59 -8.52 25.88 -29.75
CA SER C 59 -9.69 25.95 -28.90
C SER C 59 -9.35 26.29 -27.45
N SER C 60 -8.12 26.68 -27.14
CA SER C 60 -7.81 27.04 -25.77
C SER C 60 -6.94 28.27 -25.62
N GLU C 61 -6.40 28.83 -26.71
CA GLU C 61 -5.48 29.95 -26.58
C GLU C 61 -6.19 31.18 -26.02
N GLY C 62 -7.34 31.52 -26.60
CA GLY C 62 -8.06 32.71 -26.16
C GLY C 62 -8.48 32.62 -24.70
N ALA C 63 -8.97 31.45 -24.30
CA ALA C 63 -9.32 31.25 -22.90
C ALA C 63 -8.09 31.44 -22.02
N LEU C 64 -6.95 30.94 -22.46
CA LEU C 64 -5.74 31.07 -21.66
C LEU C 64 -5.32 32.53 -21.56
N TYR C 65 -5.54 33.31 -22.61
CA TYR C 65 -5.18 34.73 -22.56
C TYR C 65 -6.04 35.46 -21.53
N ILE C 66 -7.36 35.32 -21.64
CA ILE C 66 -8.25 35.98 -20.69
C ILE C 66 -7.93 35.54 -19.26
N LEU C 67 -7.86 34.22 -19.02
CA LEU C 67 -7.67 33.75 -17.66
C LEU C 67 -6.28 34.11 -17.14
N GLU C 68 -5.29 34.18 -18.00
CA GLU C 68 -3.96 34.56 -17.53
C GLU C 68 -3.97 35.99 -17.03
N ILE C 69 -4.59 36.90 -17.78
CA ILE C 69 -4.63 38.29 -17.33
C ILE C 69 -5.44 38.41 -16.05
N VAL C 70 -6.52 37.64 -15.94
CA VAL C 70 -7.30 37.68 -14.71
C VAL C 70 -6.46 37.24 -13.53
N THR C 71 -5.54 36.30 -13.76
CA THR C 71 -4.64 35.89 -12.69
C THR C 71 -3.74 37.04 -12.27
N ILE C 72 -3.15 37.74 -13.24
CA ILE C 72 -2.30 38.87 -12.90
C ILE C 72 -3.10 39.96 -12.19
N VAL C 73 -4.36 40.14 -12.61
CA VAL C 73 -5.22 41.13 -11.97
C VAL C 73 -5.37 40.81 -10.49
N VAL C 74 -5.88 39.61 -10.18
CA VAL C 74 -6.24 39.31 -8.81
C VAL C 74 -5.00 39.19 -7.94
N PHE C 75 -3.89 38.69 -8.48
CA PHE C 75 -2.70 38.55 -7.64
C PHE C 75 -2.07 39.90 -7.35
N GLY C 76 -1.98 40.78 -8.35
CA GLY C 76 -1.45 42.11 -8.08
C GLY C 76 -2.31 42.86 -7.09
N VAL C 77 -3.63 42.74 -7.21
CA VAL C 77 -4.53 43.40 -6.26
C VAL C 77 -4.33 42.83 -4.86
N GLU C 78 -4.24 41.50 -4.75
CA GLU C 78 -3.96 40.88 -3.47
C GLU C 78 -2.66 41.42 -2.87
N TYR C 79 -1.62 41.51 -3.70
CA TYR C 79 -0.32 41.92 -3.18
C TYR C 79 -0.34 43.36 -2.67
N PHE C 80 -0.92 44.27 -3.45
CA PHE C 80 -1.00 45.65 -2.97
C PHE C 80 -1.75 45.72 -1.65
N VAL C 81 -2.82 44.93 -1.50
CA VAL C 81 -3.50 44.92 -0.22
C VAL C 81 -2.63 44.25 0.84
N ARG C 82 -1.79 43.28 0.45
CA ARG C 82 -0.87 42.66 1.39
C ARG C 82 0.06 43.69 2.01
N ILE C 83 0.43 44.71 1.23
CA ILE C 83 1.30 45.75 1.75
C ILE C 83 0.49 46.81 2.48
N TRP C 84 -0.53 47.35 1.82
CA TRP C 84 -1.30 48.44 2.41
C TRP C 84 -1.95 48.05 3.71
N ALA C 85 -2.34 46.78 3.86
CA ALA C 85 -2.98 46.30 5.07
C ALA C 85 -2.00 45.62 6.02
N ALA C 86 -0.73 46.01 5.96
CA ALA C 86 0.27 45.39 6.83
C ALA C 86 0.24 45.94 8.25
N GLY C 87 -0.20 47.19 8.42
CA GLY C 87 -0.18 47.83 9.72
C GLY C 87 -1.34 47.48 10.62
N CYS C 88 -1.95 46.31 10.40
CA CYS C 88 -3.09 45.89 11.19
C CYS C 88 -2.68 45.20 12.48
N CYS C 89 -1.51 44.56 12.49
CA CYS C 89 -0.93 44.07 13.73
C CYS C 89 -0.19 45.20 14.42
N CYS C 90 0.40 44.90 15.58
CA CYS C 90 1.06 45.94 16.36
C CYS C 90 2.30 46.50 15.67
N ARG C 91 3.04 45.65 14.94
CA ARG C 91 4.37 46.02 14.49
C ARG C 91 4.34 47.10 13.42
N TYR C 92 3.75 46.78 12.27
CA TYR C 92 3.97 47.57 11.07
C TYR C 92 3.10 48.82 11.05
N ARG C 93 3.65 49.89 10.48
CA ARG C 93 2.98 51.17 10.38
C ARG C 93 3.89 52.14 9.64
N GLY C 94 3.30 53.20 9.11
CA GLY C 94 4.07 54.26 8.52
C GLY C 94 4.84 53.77 7.32
N TRP C 95 6.17 53.81 7.40
CA TRP C 95 7.03 53.38 6.31
C TRP C 95 8.18 52.49 6.73
N ARG C 96 8.56 52.48 8.02
CA ARG C 96 9.69 51.66 8.45
C ARG C 96 9.26 50.22 8.69
N GLY C 97 8.13 50.02 9.36
CA GLY C 97 7.63 48.66 9.54
C GLY C 97 7.22 48.03 8.23
N ARG C 98 6.56 48.80 7.37
CA ARG C 98 6.18 48.29 6.05
C ARG C 98 7.41 47.98 5.22
N LEU C 99 8.37 48.90 5.20
CA LEU C 99 9.61 48.69 4.46
C LEU C 99 10.29 47.40 4.89
N LYS C 100 10.50 47.23 6.20
CA LYS C 100 11.18 46.02 6.65
C LYS C 100 10.34 44.78 6.37
N PHE C 101 9.02 44.92 6.35
CA PHE C 101 8.17 43.76 6.06
C PHE C 101 8.38 43.26 4.65
N ALA C 102 8.37 44.17 3.67
CA ALA C 102 8.61 43.75 2.31
C ALA C 102 10.00 43.14 2.16
N ARG C 103 10.92 43.43 3.07
CA ARG C 103 12.23 42.81 3.04
C ARG C 103 12.18 41.31 3.29
N LYS C 104 11.05 40.79 3.78
CA LYS C 104 10.94 39.37 4.02
C LYS C 104 11.14 38.59 2.74
N PRO C 105 11.47 37.29 2.84
CA PRO C 105 11.75 36.51 1.63
C PRO C 105 10.53 36.32 0.76
N PHE C 106 9.38 36.00 1.37
CA PHE C 106 8.18 35.71 0.59
C PHE C 106 7.75 36.90 -0.24
N CYS C 107 7.67 38.09 0.38
CA CYS C 107 7.19 39.24 -0.36
C CYS C 107 8.16 39.67 -1.45
N VAL C 108 9.46 39.47 -1.23
CA VAL C 108 10.44 39.69 -2.29
C VAL C 108 10.14 38.80 -3.47
N ILE C 109 10.08 37.48 -3.23
CA ILE C 109 9.90 36.53 -4.32
C ILE C 109 8.54 36.73 -4.97
N ASP C 110 7.55 37.16 -4.20
CA ASP C 110 6.22 37.41 -4.75
C ASP C 110 6.24 38.58 -5.72
N ILE C 111 6.79 39.72 -5.30
CA ILE C 111 6.81 40.89 -6.15
C ILE C 111 7.68 40.64 -7.38
N MET C 112 8.77 39.90 -7.19
CA MET C 112 9.60 39.53 -8.33
C MET C 112 8.79 38.76 -9.36
N VAL C 113 8.12 37.69 -8.93
CA VAL C 113 7.38 36.87 -9.87
C VAL C 113 6.20 37.62 -10.46
N LEU C 114 5.65 38.59 -9.73
CA LEU C 114 4.56 39.38 -10.31
C LEU C 114 5.05 40.20 -11.48
N ILE C 115 6.18 40.89 -11.31
CA ILE C 115 6.71 41.67 -12.42
C ILE C 115 7.13 40.77 -13.57
N ALA C 116 7.74 39.63 -13.25
CA ALA C 116 8.15 38.70 -14.31
C ALA C 116 6.95 38.17 -15.07
N SER C 117 5.81 38.00 -14.39
CA SER C 117 4.60 37.59 -15.10
C SER C 117 4.16 38.67 -16.07
N ILE C 118 4.24 39.94 -15.65
CA ILE C 118 3.96 41.02 -16.59
C ILE C 118 4.92 40.94 -17.78
N ALA C 119 6.17 40.57 -17.53
CA ALA C 119 7.08 40.31 -18.63
C ALA C 119 6.61 39.17 -19.50
N VAL C 120 5.93 38.19 -18.90
CA VAL C 120 5.37 37.09 -19.69
C VAL C 120 4.33 37.60 -20.67
N LEU C 121 3.44 38.46 -20.20
CA LEU C 121 2.48 39.08 -21.10
C LEU C 121 3.09 40.19 -21.92
N ALA C 122 4.36 40.50 -21.70
CA ALA C 122 5.01 41.60 -22.39
C ALA C 122 4.97 41.40 -23.91
N SER C 133 11.61 28.66 -25.04
CA SER C 133 11.64 29.13 -23.66
C SER C 133 10.42 29.99 -23.34
N ALA C 134 9.50 30.09 -24.30
CA ALA C 134 8.24 30.77 -24.05
C ALA C 134 7.26 29.85 -23.34
N LEU C 135 6.88 28.76 -24.00
CA LEU C 135 5.93 27.83 -23.38
C LEU C 135 6.58 27.05 -22.26
N ARG C 136 7.88 26.75 -22.39
CA ARG C 136 8.60 26.06 -21.33
C ARG C 136 8.65 26.91 -20.07
N SER C 137 9.02 28.18 -20.22
CA SER C 137 9.03 29.07 -19.06
C SER C 137 7.62 29.30 -18.52
N LEU C 138 6.60 29.24 -19.39
CA LEU C 138 5.24 29.28 -18.87
C LEU C 138 4.95 28.08 -17.99
N ARG C 139 5.37 26.89 -18.42
CA ARG C 139 5.26 25.72 -17.55
C ARG C 139 5.95 25.98 -16.23
N PHE C 140 7.10 26.64 -16.27
CA PHE C 140 7.83 26.93 -15.04
C PHE C 140 7.04 27.84 -14.11
N LEU C 141 6.54 28.96 -14.63
CA LEU C 141 5.79 29.88 -13.79
C LEU C 141 4.50 29.25 -13.28
N GLN C 142 3.84 28.46 -14.12
CA GLN C 142 2.61 27.81 -13.67
C GLN C 142 2.89 26.89 -12.50
N ILE C 143 4.02 26.20 -12.53
CA ILE C 143 4.42 25.42 -11.36
C ILE C 143 4.58 26.33 -10.16
N LEU C 144 5.23 27.48 -10.34
CA LEU C 144 5.57 28.33 -9.20
C LEU C 144 4.32 28.89 -8.53
N ARG C 145 3.33 29.30 -9.32
CA ARG C 145 2.14 29.88 -8.71
C ARG C 145 1.45 28.90 -7.77
N MET C 146 1.60 27.60 -8.01
CA MET C 146 1.02 26.63 -7.09
C MET C 146 1.71 26.69 -5.73
N ILE C 147 3.00 26.99 -5.71
CA ILE C 147 3.70 27.10 -4.42
C ILE C 147 3.21 28.30 -3.65
N ARG C 148 2.68 29.31 -4.34
CA ARG C 148 2.11 30.46 -3.67
C ARG C 148 0.94 30.07 -2.77
N MET C 149 0.25 28.98 -3.10
CA MET C 149 -0.94 28.63 -2.35
C MET C 149 -0.66 28.25 -0.91
N ASP C 150 0.59 28.02 -0.54
CA ASP C 150 0.97 27.75 0.84
C ASP C 150 1.85 28.91 1.31
N ARG C 151 1.21 29.95 1.84
CA ARG C 151 1.98 31.11 2.27
C ARG C 151 2.77 30.81 3.54
N ARG C 152 2.09 30.38 4.59
CA ARG C 152 2.75 30.20 5.86
C ARG C 152 3.63 28.97 5.92
N GLY C 153 3.74 28.20 4.84
CA GLY C 153 4.51 26.98 4.89
C GLY C 153 3.92 26.01 5.90
N GLY C 154 2.60 25.83 5.86
CA GLY C 154 1.97 24.92 6.81
C GLY C 154 2.24 23.47 6.46
N THR C 155 2.01 23.10 5.20
CA THR C 155 2.17 21.72 4.80
C THR C 155 3.63 21.27 4.97
N TRP C 156 4.57 22.08 4.49
CA TRP C 156 5.97 21.72 4.62
C TRP C 156 6.36 21.58 6.08
N LYS C 157 5.90 22.50 6.94
CA LYS C 157 6.28 22.45 8.34
C LYS C 157 5.76 21.18 9.00
N LEU C 158 4.51 20.82 8.72
CA LEU C 158 3.97 19.62 9.33
C LEU C 158 4.69 18.37 8.86
N LEU C 159 4.94 18.27 7.56
CA LEU C 159 5.62 17.09 7.03
C LEU C 159 7.02 16.96 7.62
N GLY C 160 7.74 18.06 7.74
CA GLY C 160 9.07 17.99 8.33
C GLY C 160 9.03 17.58 9.79
N SER C 161 8.03 18.04 10.51
CA SER C 161 7.89 17.64 11.91
C SER C 161 7.80 16.13 12.02
N VAL C 162 6.83 15.54 11.34
CA VAL C 162 6.59 14.12 11.49
C VAL C 162 7.77 13.31 10.99
N VAL C 163 8.40 13.73 9.89
CA VAL C 163 9.54 12.96 9.38
C VAL C 163 10.67 12.95 10.38
N TYR C 164 10.94 14.10 11.00
CA TYR C 164 12.05 14.15 11.94
C TYR C 164 11.82 13.22 13.12
N ALA C 165 10.63 13.26 13.71
CA ALA C 165 10.39 12.42 14.87
C ALA C 165 10.53 10.96 14.53
N HIS C 166 10.31 10.59 13.27
CA HIS C 166 10.47 9.21 12.83
C HIS C 166 11.73 9.02 12.00
N SER C 167 12.80 9.72 12.35
CA SER C 167 14.01 9.65 11.55
C SER C 167 14.62 8.25 11.56
N LYS C 168 14.69 7.63 12.73
CA LYS C 168 15.40 6.36 12.82
C LYS C 168 14.67 5.25 12.07
N GLU C 169 13.33 5.25 12.11
CA GLU C 169 12.59 4.19 11.47
C GLU C 169 12.50 4.38 9.97
N LEU C 170 12.39 5.62 9.50
CA LEU C 170 12.48 5.86 8.07
C LEU C 170 13.82 5.40 7.54
N VAL C 171 14.90 5.62 8.29
CA VAL C 171 16.22 5.27 7.78
C VAL C 171 16.41 3.78 7.75
N THR C 172 15.90 3.06 8.75
CA THR C 172 16.02 1.61 8.69
C THR C 172 15.17 1.03 7.57
N ALA C 173 14.01 1.62 7.29
CA ALA C 173 13.19 1.12 6.20
C ALA C 173 13.90 1.31 4.86
N TRP C 174 14.41 2.51 4.62
CA TRP C 174 15.06 2.78 3.35
C TRP C 174 16.40 2.08 3.23
N TYR C 175 17.13 1.94 4.34
CA TYR C 175 18.42 1.29 4.28
C TYR C 175 18.29 -0.20 3.99
N ILE C 176 17.44 -0.89 4.76
CA ILE C 176 17.31 -2.33 4.53
C ILE C 176 16.62 -2.60 3.21
N GLY C 177 15.71 -1.73 2.78
CA GLY C 177 15.14 -1.89 1.46
C GLY C 177 16.18 -1.74 0.38
N PHE C 178 17.12 -0.82 0.58
CA PHE C 178 18.19 -0.65 -0.41
C PHE C 178 19.09 -1.87 -0.47
N LEU C 179 19.44 -2.45 0.68
CA LEU C 179 20.22 -3.68 0.66
C LEU C 179 19.47 -4.78 -0.08
N CYS C 180 18.17 -4.90 0.14
CA CYS C 180 17.42 -5.94 -0.53
C CYS C 180 17.35 -5.70 -2.03
N LEU C 181 17.26 -4.45 -2.45
CA LEU C 181 17.26 -4.15 -3.88
C LEU C 181 18.58 -4.54 -4.52
N ILE C 182 19.70 -4.24 -3.86
CA ILE C 182 21.00 -4.55 -4.44
C ILE C 182 21.20 -6.05 -4.54
N LEU C 183 20.90 -6.76 -3.46
CA LEU C 183 21.13 -8.20 -3.47
C LEU C 183 20.23 -8.91 -4.46
N ALA C 184 18.94 -8.54 -4.49
CA ALA C 184 18.01 -9.21 -5.39
C ALA C 184 18.37 -8.94 -6.84
N SER C 185 18.75 -7.70 -7.16
CA SER C 185 19.08 -7.38 -8.53
C SER C 185 20.34 -8.08 -8.98
N PHE C 186 21.33 -8.19 -8.10
CA PHE C 186 22.55 -8.91 -8.46
C PHE C 186 22.24 -10.38 -8.73
N LEU C 187 21.52 -11.03 -7.82
CA LEU C 187 21.26 -12.45 -7.97
C LEU C 187 20.45 -12.74 -9.23
N VAL C 188 19.40 -11.97 -9.48
CA VAL C 188 18.60 -12.23 -10.68
C VAL C 188 19.42 -11.93 -11.93
N TYR C 189 20.36 -11.00 -11.85
CA TYR C 189 21.27 -10.76 -12.96
C TYR C 189 22.06 -12.01 -13.32
N LEU C 190 22.75 -12.58 -12.34
CA LEU C 190 23.53 -13.79 -12.59
C LEU C 190 22.64 -14.92 -13.08
N ALA C 191 21.44 -15.02 -12.55
CA ALA C 191 20.54 -16.10 -12.92
C ALA C 191 20.09 -16.03 -14.37
N GLU C 192 19.74 -14.86 -14.87
CA GLU C 192 19.20 -14.76 -16.23
C GLU C 192 20.03 -13.98 -17.24
N LYS C 193 21.29 -13.67 -16.99
CA LYS C 193 22.00 -12.83 -17.96
C LYS C 193 22.08 -13.46 -19.34
N GLY C 194 22.47 -14.73 -19.43
CA GLY C 194 22.52 -15.36 -20.74
C GLY C 194 21.18 -15.65 -21.37
N GLU C 195 20.26 -16.22 -20.58
CA GLU C 195 18.94 -16.61 -21.07
C GLU C 195 18.02 -15.45 -21.44
N ASN C 196 17.99 -14.37 -20.69
CA ASN C 196 17.02 -13.32 -20.93
C ASN C 196 17.60 -12.03 -21.51
N ASP C 197 16.99 -11.58 -22.60
CA ASP C 197 17.39 -10.34 -23.26
C ASP C 197 17.17 -9.12 -22.38
N HIS C 198 16.04 -9.09 -21.67
CA HIS C 198 15.73 -7.94 -20.81
C HIS C 198 16.92 -7.56 -19.95
N PHE C 199 17.44 -8.51 -19.19
CA PHE C 199 18.63 -8.26 -18.38
C PHE C 199 19.86 -8.41 -19.25
N ASP C 200 20.60 -7.32 -19.43
CA ASP C 200 21.86 -7.41 -20.14
C ASP C 200 22.98 -6.75 -19.38
N THR C 201 22.66 -5.76 -18.56
CA THR C 201 23.66 -5.10 -17.75
C THR C 201 23.18 -5.07 -16.31
N TYR C 202 24.08 -4.72 -15.40
CA TYR C 202 23.66 -4.50 -14.04
C TYR C 202 22.76 -3.26 -13.93
N ALA C 203 22.81 -2.39 -14.93
CA ALA C 203 21.90 -1.26 -14.95
C ALA C 203 20.47 -1.71 -15.14
N ASP C 204 20.24 -2.69 -16.00
CA ASP C 204 18.89 -3.18 -16.21
C ASP C 204 18.40 -4.01 -15.04
N ALA C 205 19.29 -4.76 -14.39
CA ALA C 205 18.86 -5.49 -13.21
C ALA C 205 18.49 -4.55 -12.08
N LEU C 206 19.18 -3.42 -11.96
CA LEU C 206 18.76 -2.44 -10.95
C LEU C 206 17.46 -1.78 -11.35
N TRP C 207 17.23 -1.55 -12.65
CA TRP C 207 15.98 -0.94 -13.06
C TRP C 207 14.80 -1.85 -12.75
N TRP C 208 14.89 -3.11 -13.16
CA TRP C 208 13.84 -4.06 -12.82
C TRP C 208 13.62 -4.13 -11.31
N GLY C 209 14.70 -4.24 -10.55
CA GLY C 209 14.53 -4.38 -9.12
C GLY C 209 13.89 -3.18 -8.49
N LEU C 210 14.21 -1.99 -8.99
CA LEU C 210 13.64 -0.78 -8.41
C LEU C 210 12.18 -0.64 -8.79
N ILE C 211 11.80 -1.12 -9.97
CA ILE C 211 10.46 -0.91 -10.48
C ILE C 211 9.58 -2.12 -10.19
N THR C 212 10.11 -3.07 -9.45
CA THR C 212 9.39 -4.23 -8.95
C THR C 212 9.17 -4.19 -7.46
N LEU C 213 10.14 -3.72 -6.69
CA LEU C 213 9.92 -3.67 -5.26
C LEU C 213 9.04 -2.49 -4.86
N THR C 214 8.97 -1.45 -5.67
CA THR C 214 7.99 -0.40 -5.43
C THR C 214 6.61 -0.78 -5.92
N THR C 215 6.44 -2.01 -6.41
CA THR C 215 5.17 -2.53 -6.87
C THR C 215 4.59 -1.75 -8.03
N ILE C 216 5.42 -1.09 -8.81
CA ILE C 216 4.92 -0.51 -10.05
C ILE C 216 4.78 -1.59 -11.09
N GLY C 217 5.87 -2.23 -11.45
CA GLY C 217 5.75 -3.33 -12.37
C GLY C 217 5.27 -2.87 -13.72
N TYR C 218 6.10 -2.13 -14.44
CA TYR C 218 5.73 -1.73 -15.79
C TYR C 218 5.47 -2.96 -16.63
N GLY C 219 6.35 -3.94 -16.54
CA GLY C 219 6.19 -5.18 -17.25
C GLY C 219 7.14 -5.39 -18.39
N ASP C 220 8.10 -4.49 -18.59
CA ASP C 220 9.05 -4.61 -19.69
C ASP C 220 10.24 -5.48 -19.36
N LYS C 221 10.52 -5.75 -18.09
CA LYS C 221 11.62 -6.62 -17.69
C LYS C 221 11.11 -7.53 -16.59
N TYR C 222 11.00 -8.82 -16.88
CA TYR C 222 10.63 -9.77 -15.85
C TYR C 222 11.48 -11.03 -15.97
N PRO C 223 11.78 -11.68 -14.86
CA PRO C 223 12.52 -12.93 -14.93
C PRO C 223 11.78 -13.97 -15.75
N GLN C 224 12.54 -14.68 -16.59
CA GLN C 224 12.01 -15.70 -17.49
C GLN C 224 12.86 -16.96 -17.42
N THR C 225 13.11 -17.42 -16.20
CA THR C 225 13.97 -18.57 -15.98
C THR C 225 13.66 -19.15 -14.62
N TRP C 226 13.70 -20.48 -14.51
CA TRP C 226 13.35 -21.09 -13.24
C TRP C 226 14.21 -20.52 -12.13
N ASN C 227 15.48 -20.24 -12.43
CA ASN C 227 16.35 -19.64 -11.43
C ASN C 227 15.93 -18.21 -11.13
N GLY C 228 15.63 -17.44 -12.17
CA GLY C 228 15.20 -16.07 -11.95
C GLY C 228 13.89 -16.01 -11.19
N ARG C 229 12.90 -16.78 -11.62
CA ARG C 229 11.60 -16.69 -10.98
C ARG C 229 11.66 -17.20 -9.55
N LEU C 230 12.48 -18.22 -9.30
CA LEU C 230 12.60 -18.74 -7.94
C LEU C 230 13.31 -17.76 -7.02
N LEU C 231 14.21 -16.94 -7.55
CA LEU C 231 14.85 -15.93 -6.72
C LEU C 231 13.93 -14.72 -6.50
N ALA C 232 13.27 -14.27 -7.56
CA ALA C 232 12.37 -13.13 -7.41
C ALA C 232 11.20 -13.47 -6.50
N ALA C 233 10.80 -14.74 -6.44
CA ALA C 233 9.64 -15.11 -5.64
C ALA C 233 9.91 -14.94 -4.15
N THR C 234 11.12 -15.23 -3.70
CA THR C 234 11.44 -14.97 -2.30
C THR C 234 11.62 -13.48 -2.05
N PHE C 235 12.34 -12.81 -2.93
CA PHE C 235 12.71 -11.44 -2.63
C PHE C 235 11.56 -10.46 -2.79
N THR C 236 10.53 -10.78 -3.58
CA THR C 236 9.37 -9.89 -3.60
C THR C 236 8.66 -9.91 -2.26
N LEU C 237 8.37 -11.10 -1.75
CA LEU C 237 7.66 -11.20 -0.48
C LEU C 237 8.35 -10.40 0.61
N ILE C 238 9.68 -10.40 0.63
CA ILE C 238 10.38 -9.63 1.66
C ILE C 238 10.51 -8.17 1.25
N GLY C 239 11.02 -7.90 0.06
CA GLY C 239 11.38 -6.55 -0.29
C GLY C 239 10.18 -5.63 -0.43
N VAL C 240 9.10 -6.12 -1.05
CA VAL C 240 7.96 -5.26 -1.32
C VAL C 240 7.47 -4.64 -0.03
N SER C 241 7.45 -5.42 1.04
CA SER C 241 7.09 -4.87 2.34
C SER C 241 8.06 -3.78 2.77
N PHE C 242 9.35 -4.02 2.60
CA PHE C 242 10.33 -3.01 2.99
C PHE C 242 10.09 -1.69 2.27
N PHE C 243 9.93 -1.74 0.96
CA PHE C 243 9.77 -0.50 0.21
C PHE C 243 8.42 0.16 0.44
N ALA C 244 7.46 -0.53 1.04
CA ALA C 244 6.19 0.07 1.38
C ALA C 244 6.08 0.41 2.85
N LEU C 245 7.17 0.30 3.61
CA LEU C 245 7.14 0.65 5.02
C LEU C 245 6.90 2.14 5.23
N PRO C 246 7.76 3.03 4.75
CA PRO C 246 7.65 4.44 5.15
C PRO C 246 6.31 5.07 4.85
N ALA C 247 5.60 4.61 3.83
CA ALA C 247 4.23 5.09 3.64
C ALA C 247 3.37 4.78 4.85
N GLY C 248 3.57 3.61 5.44
CA GLY C 248 2.79 3.21 6.60
C GLY C 248 3.28 3.84 7.88
N ILE C 249 4.60 4.00 8.03
CA ILE C 249 5.14 4.61 9.24
C ILE C 249 4.72 6.06 9.34
N LEU C 250 4.82 6.80 8.24
CA LEU C 250 4.38 8.19 8.26
C LEU C 250 2.86 8.28 8.35
N GLY C 251 2.14 7.34 7.76
CA GLY C 251 0.70 7.33 7.92
C GLY C 251 0.29 7.23 9.37
N SER C 252 0.82 6.24 10.09
CA SER C 252 0.46 6.11 11.48
C SER C 252 1.10 7.18 12.35
N GLY C 253 2.18 7.81 11.89
CA GLY C 253 2.69 8.96 12.62
C GLY C 253 1.74 10.12 12.56
N PHE C 254 1.22 10.43 11.38
CA PHE C 254 0.22 11.47 11.25
C PHE C 254 -0.99 11.18 12.14
N ALA C 255 -1.54 9.97 12.04
CA ALA C 255 -2.76 9.67 12.75
C ALA C 255 -2.56 9.75 14.25
N LEU C 256 -1.43 9.27 14.75
CA LEU C 256 -1.19 9.34 16.18
C LEU C 256 -1.06 10.79 16.65
N LYS C 257 -0.36 11.62 15.87
CA LYS C 257 -0.19 13.00 16.27
C LYS C 257 -1.52 13.72 16.34
N VAL C 258 -2.43 13.40 15.42
CA VAL C 258 -3.73 14.04 15.48
C VAL C 258 -4.51 13.55 16.70
N GLN C 259 -4.35 12.30 17.10
CA GLN C 259 -5.05 11.85 18.29
C GLN C 259 -4.53 12.53 19.54
N GLU C 260 -3.21 12.72 19.64
CA GLU C 260 -2.65 13.40 20.80
C GLU C 260 -3.14 14.85 20.85
N GLN C 261 -3.07 15.56 19.72
CA GLN C 261 -3.52 16.94 19.72
C GLN C 261 -4.99 17.05 20.09
N HIS C 262 -5.80 16.11 19.62
CA HIS C 262 -7.21 16.14 19.99
C HIS C 262 -7.38 15.91 21.49
N ARG C 263 -6.58 15.02 22.06
CA ARG C 263 -6.67 14.78 23.50
C ARG C 263 -6.36 16.04 24.28
N GLN C 264 -5.30 16.75 23.90
CA GLN C 264 -4.94 17.97 24.62
C GLN C 264 -6.00 19.05 24.44
N LYS C 265 -6.74 19.02 23.34
CA LYS C 265 -7.96 19.83 23.28
C LYS C 265 -8.95 19.36 24.34
N HIS C 266 -9.07 18.05 24.50
CA HIS C 266 -9.85 17.49 25.61
C HIS C 266 -9.23 17.80 26.96
N PHE C 267 -7.94 18.14 27.00
CA PHE C 267 -7.23 18.43 28.24
C PHE C 267 -7.16 17.20 29.14
N ARG D 8 48.72 19.84 26.20
CA ARG D 8 49.55 19.07 25.29
C ARG D 8 49.21 17.59 25.40
N ASN D 9 49.87 16.87 26.31
CA ASN D 9 49.49 15.49 26.56
C ASN D 9 48.07 15.41 27.10
N ALA D 10 47.68 16.39 27.92
CA ALA D 10 46.27 16.52 28.29
C ALA D 10 45.41 16.70 27.05
N PHE D 11 45.82 17.63 26.18
CA PHE D 11 45.16 17.75 24.89
C PHE D 11 45.30 16.47 24.10
N TYR D 12 46.40 15.72 24.32
CA TYR D 12 46.56 14.42 23.69
C TYR D 12 45.40 13.49 24.05
N ARG D 13 45.19 13.27 25.35
CA ARG D 13 44.14 12.38 25.79
C ARG D 13 42.78 12.89 25.36
N LYS D 14 42.53 14.19 25.52
CA LYS D 14 41.24 14.74 25.15
C LYS D 14 41.00 14.61 23.65
N LEU D 15 42.03 14.84 22.85
CA LEU D 15 41.90 14.66 21.41
C LEU D 15 41.57 13.22 21.07
N GLN D 16 42.45 12.30 21.47
CA GLN D 16 42.27 10.89 21.16
C GLN D 16 40.89 10.39 21.55
N ASN D 17 40.41 10.81 22.73
CA ASN D 17 39.04 10.48 23.11
C ASN D 17 38.04 11.05 22.12
N PHE D 18 38.22 12.31 21.72
CA PHE D 18 37.27 12.92 20.80
C PHE D 18 37.24 12.15 19.48
N LEU D 19 38.41 11.83 18.95
CA LEU D 19 38.50 11.02 17.75
C LEU D 19 37.73 9.72 17.92
N TYR D 20 37.88 9.06 19.06
CA TYR D 20 37.16 7.83 19.31
C TYR D 20 35.66 8.04 19.27
N ASN D 21 35.19 9.21 19.71
CA ASN D 21 33.74 9.41 19.76
C ASN D 21 33.17 9.80 18.41
N VAL D 22 33.91 10.54 17.59
CA VAL D 22 33.41 10.88 16.26
C VAL D 22 33.44 9.66 15.35
N LEU D 23 34.57 8.98 15.29
CA LEU D 23 34.64 7.73 14.55
C LEU D 23 33.62 6.73 15.06
N GLU D 24 33.44 6.68 16.37
CA GLU D 24 32.40 5.87 17.01
C GLU D 24 31.15 6.73 17.17
N ARG D 25 30.27 6.33 18.09
CA ARG D 25 28.96 6.93 18.25
C ARG D 25 29.00 8.46 18.21
N PRO D 26 28.54 9.06 17.12
CA PRO D 26 28.46 10.52 17.04
C PRO D 26 27.07 10.98 17.40
N ARG D 27 26.90 12.21 17.88
CA ARG D 27 25.57 12.69 18.25
C ARG D 27 25.03 13.75 17.30
N GLY D 28 25.73 14.87 17.14
CA GLY D 28 25.17 15.94 16.32
C GLY D 28 26.03 16.48 15.19
N TRP D 29 27.34 16.37 15.31
CA TRP D 29 28.25 17.05 14.40
C TRP D 29 29.09 16.11 13.56
N ALA D 30 29.53 15.00 14.14
CA ALA D 30 30.29 14.03 13.36
C ALA D 30 29.42 13.32 12.34
N PHE D 31 28.09 13.37 12.51
CA PHE D 31 27.22 12.67 11.59
C PHE D 31 27.35 13.24 10.18
N ILE D 32 27.65 14.54 10.06
CA ILE D 32 27.91 15.10 8.74
C ILE D 32 29.16 14.47 8.13
N TYR D 33 30.18 14.24 8.95
CA TYR D 33 31.36 13.56 8.43
C TYR D 33 31.01 12.19 7.86
N HIS D 34 30.29 11.40 8.63
CA HIS D 34 29.88 10.09 8.14
C HIS D 34 29.02 10.22 6.89
N ALA D 35 28.18 11.25 6.82
CA ALA D 35 27.36 11.44 5.64
C ALA D 35 28.21 11.69 4.41
N TYR D 36 29.35 12.37 4.57
CA TYR D 36 30.19 12.62 3.40
C TYR D 36 30.93 11.37 2.97
N VAL D 37 31.36 10.54 3.93
CA VAL D 37 31.96 9.27 3.53
C VAL D 37 30.92 8.40 2.83
N PHE D 38 29.69 8.44 3.30
CA PHE D 38 28.65 7.63 2.65
C PHE D 38 28.39 8.13 1.24
N LEU D 39 28.36 9.45 1.03
CA LEU D 39 28.18 9.95 -0.32
C LEU D 39 29.34 9.56 -1.20
N LEU D 40 30.53 9.43 -0.62
CA LEU D 40 31.67 8.92 -1.38
C LEU D 40 31.38 7.52 -1.91
N VAL D 41 31.10 6.57 -1.00
CA VAL D 41 30.88 5.21 -1.44
C VAL D 41 29.64 5.10 -2.31
N PHE D 42 28.64 5.94 -2.07
CA PHE D 42 27.43 5.90 -2.89
C PHE D 42 27.74 6.25 -4.35
N SER D 43 28.42 7.37 -4.56
CA SER D 43 28.77 7.74 -5.93
C SER D 43 29.71 6.72 -6.55
N CYS D 44 30.53 6.06 -5.75
CA CYS D 44 31.32 4.95 -6.29
C CYS D 44 30.41 3.85 -6.82
N LEU D 45 29.36 3.52 -6.08
CA LEU D 45 28.44 2.48 -6.53
C LEU D 45 27.71 2.90 -7.80
N VAL D 46 27.21 4.13 -7.84
CA VAL D 46 26.49 4.59 -9.01
C VAL D 46 27.42 4.65 -10.22
N LEU D 47 28.66 5.08 -10.01
CA LEU D 47 29.58 5.17 -11.13
C LEU D 47 29.96 3.80 -11.66
N SER D 48 30.03 2.79 -10.80
CA SER D 48 30.27 1.45 -11.31
C SER D 48 29.08 0.97 -12.14
N VAL D 49 27.87 1.25 -11.66
CA VAL D 49 26.67 0.88 -12.40
C VAL D 49 26.68 1.51 -13.78
N PHE D 50 27.14 2.76 -13.87
CA PHE D 50 27.30 3.39 -15.18
C PHE D 50 28.40 2.71 -15.97
N SER D 51 29.49 2.32 -15.30
CA SER D 51 30.65 1.84 -16.01
C SER D 51 30.44 0.48 -16.66
N THR D 52 29.38 -0.24 -16.30
CA THR D 52 29.17 -1.55 -16.92
C THR D 52 28.75 -1.43 -18.37
N ILE D 53 27.83 -0.51 -18.68
CA ILE D 53 27.28 -0.44 -20.03
C ILE D 53 28.31 0.17 -20.96
N LYS D 54 28.66 -0.58 -22.01
CA LYS D 54 29.79 -0.22 -22.86
C LYS D 54 29.55 0.97 -23.72
N GLU D 55 28.44 1.68 -23.61
CA GLU D 55 28.31 2.95 -24.32
C GLU D 55 28.92 4.12 -23.55
N TYR D 56 28.88 4.05 -22.22
CA TYR D 56 29.46 5.05 -21.35
C TYR D 56 30.62 4.47 -20.57
N GLU D 57 31.44 3.66 -21.23
CA GLU D 57 32.52 2.96 -20.54
C GLU D 57 33.72 3.86 -20.32
N LYS D 58 34.31 4.37 -21.40
CA LYS D 58 35.54 5.15 -21.25
C LYS D 58 35.31 6.45 -20.49
N SER D 59 34.09 6.95 -20.43
CA SER D 59 33.86 8.19 -19.72
C SER D 59 33.71 8.01 -18.22
N SER D 60 33.99 6.83 -17.68
CA SER D 60 33.87 6.66 -16.24
C SER D 60 35.01 5.87 -15.61
N GLU D 61 35.90 5.26 -16.40
CA GLU D 61 36.93 4.41 -15.81
C GLU D 61 37.90 5.21 -14.97
N GLY D 62 38.40 6.32 -15.52
CA GLY D 62 39.37 7.13 -14.80
C GLY D 62 38.80 7.68 -13.50
N ALA D 63 37.56 8.16 -13.54
CA ALA D 63 36.91 8.61 -12.33
C ALA D 63 36.81 7.49 -11.31
N LEU D 64 36.49 6.28 -11.78
CA LEU D 64 36.38 5.16 -10.85
C LEU D 64 37.72 4.82 -10.24
N TYR D 65 38.81 4.98 -11.00
CA TYR D 65 40.13 4.70 -10.46
C TYR D 65 40.47 5.68 -9.34
N ILE D 66 40.36 6.97 -9.62
CA ILE D 66 40.66 7.97 -8.60
C ILE D 66 39.78 7.77 -7.37
N LEU D 67 38.46 7.67 -7.57
CA LEU D 67 37.57 7.56 -6.42
C LEU D 67 37.75 6.26 -5.67
N GLU D 68 38.12 5.18 -6.37
CA GLU D 68 38.34 3.93 -5.66
C GLU D 68 39.53 4.04 -4.73
N ILE D 69 40.62 4.65 -5.19
CA ILE D 69 41.79 4.79 -4.33
C ILE D 69 41.47 5.71 -3.16
N VAL D 70 40.70 6.76 -3.42
CA VAL D 70 40.32 7.66 -2.33
C VAL D 70 39.52 6.90 -1.28
N THR D 71 38.72 5.93 -1.71
CA THR D 71 38.00 5.10 -0.75
C THR D 71 38.96 4.31 0.11
N ILE D 72 39.95 3.67 -0.51
CA ILE D 72 40.92 2.90 0.26
C ILE D 72 41.70 3.82 1.20
N VAL D 73 42.00 5.03 0.75
CA VAL D 73 42.71 5.99 1.59
C VAL D 73 41.91 6.26 2.85
N VAL D 74 40.68 6.74 2.69
CA VAL D 74 39.94 7.21 3.86
C VAL D 74 39.56 6.05 4.76
N PHE D 75 39.27 4.87 4.20
CA PHE D 75 38.88 3.77 5.05
C PHE D 75 40.08 3.23 5.83
N GLY D 76 41.23 3.08 5.19
CA GLY D 76 42.40 2.65 5.93
C GLY D 76 42.78 3.63 7.03
N VAL D 77 42.68 4.93 6.74
CA VAL D 77 42.98 5.94 7.76
C VAL D 77 41.99 5.84 8.91
N GLU D 78 40.70 5.70 8.59
CA GLU D 78 39.70 5.51 9.62
C GLU D 78 40.02 4.29 10.48
N TYR D 79 40.40 3.19 9.85
CA TYR D 79 40.63 1.96 10.60
C TYR D 79 41.83 2.09 11.53
N PHE D 80 42.94 2.64 11.05
CA PHE D 80 44.08 2.82 11.94
C PHE D 80 43.71 3.70 13.12
N VAL D 81 42.90 4.73 12.89
CA VAL D 81 42.46 5.52 14.04
C VAL D 81 41.49 4.73 14.90
N ARG D 82 40.71 3.82 14.30
CA ARG D 82 39.83 2.96 15.08
C ARG D 82 40.62 2.14 16.09
N ILE D 83 41.82 1.75 15.73
CA ILE D 83 42.65 0.98 16.64
C ILE D 83 43.41 1.90 17.59
N TRP D 84 44.13 2.88 17.04
CA TRP D 84 44.96 3.74 17.87
C TRP D 84 44.14 4.48 18.90
N ALA D 85 42.89 4.82 18.58
CA ALA D 85 42.03 5.56 19.50
C ALA D 85 41.09 4.64 20.28
N ALA D 86 41.50 3.38 20.49
CA ALA D 86 40.63 2.45 21.19
C ALA D 86 40.70 2.63 22.70
N GLY D 87 41.82 3.14 23.22
CA GLY D 87 41.99 3.28 24.66
C GLY D 87 41.34 4.50 25.28
N CYS D 88 40.30 5.03 24.62
CA CYS D 88 39.63 6.22 25.12
C CYS D 88 38.56 5.89 26.15
N CYS D 89 37.98 4.71 26.06
CA CYS D 89 37.11 4.22 27.13
C CYS D 89 37.97 3.59 28.23
N CYS D 90 37.31 3.09 29.27
CA CYS D 90 38.05 2.57 30.41
C CYS D 90 38.81 1.29 30.07
N ARG D 91 38.25 0.45 29.18
CA ARG D 91 38.77 -0.91 29.02
C ARG D 91 40.15 -0.91 28.36
N TYR D 92 40.22 -0.45 27.12
CA TYR D 92 41.36 -0.74 26.27
C TYR D 92 42.53 0.18 26.56
N ARG D 93 43.74 -0.38 26.43
CA ARG D 93 44.96 0.34 26.70
C ARG D 93 46.13 -0.59 26.39
N GLY D 94 47.30 0.01 26.19
CA GLY D 94 48.52 -0.78 26.06
C GLY D 94 48.45 -1.67 24.84
N TRP D 95 48.49 -2.97 25.07
CA TRP D 95 48.45 -3.95 23.99
C TRP D 95 47.48 -5.11 24.22
N ARG D 96 47.06 -5.37 25.46
CA ARG D 96 46.16 -6.48 25.71
C ARG D 96 44.71 -6.10 25.42
N GLY D 97 44.28 -4.92 25.87
CA GLY D 97 42.93 -4.48 25.55
C GLY D 97 42.76 -4.21 24.07
N ARG D 98 43.77 -3.60 23.44
CA ARG D 98 43.70 -3.37 22.01
C ARG D 98 43.71 -4.68 21.24
N LEU D 99 44.60 -5.59 21.62
CA LEU D 99 44.66 -6.90 20.98
C LEU D 99 43.30 -7.60 21.04
N LYS D 100 42.72 -7.71 22.24
CA LYS D 100 41.44 -8.39 22.34
C LYS D 100 40.35 -7.64 21.59
N PHE D 101 40.47 -6.32 21.47
CA PHE D 101 39.46 -5.56 20.75
C PHE D 101 39.46 -5.92 19.27
N ALA D 102 40.63 -5.95 18.65
CA ALA D 102 40.68 -6.35 17.26
C ALA D 102 40.18 -7.76 17.06
N ARG D 103 40.17 -8.58 18.10
CA ARG D 103 39.60 -9.91 18.01
C ARG D 103 38.11 -9.91 17.75
N LYS D 104 37.44 -8.77 17.93
CA LYS D 104 36.02 -8.70 17.68
C LYS D 104 35.70 -9.06 16.24
N PRO D 105 34.45 -9.43 15.95
CA PRO D 105 34.12 -9.85 14.58
C PRO D 105 34.20 -8.73 13.58
N PHE D 106 33.69 -7.55 13.94
CA PHE D 106 33.65 -6.44 13.00
C PHE D 106 35.04 -6.03 12.56
N CYS D 107 35.95 -5.84 13.50
CA CYS D 107 37.28 -5.37 13.15
C CYS D 107 38.05 -6.42 12.35
N VAL D 108 37.80 -7.70 12.63
CA VAL D 108 38.39 -8.76 11.80
C VAL D 108 37.92 -8.62 10.36
N ILE D 109 36.60 -8.60 10.16
CA ILE D 109 36.06 -8.55 8.81
C ILE D 109 36.44 -7.26 8.12
N ASP D 110 36.58 -6.18 8.89
CA ASP D 110 36.98 -4.90 8.31
C ASP D 110 38.40 -4.96 7.79
N ILE D 111 39.34 -5.41 8.61
CA ILE D 111 40.73 -5.45 8.18
C ILE D 111 40.91 -6.44 7.04
N MET D 112 40.17 -7.55 7.09
CA MET D 112 40.20 -8.49 5.98
C MET D 112 39.80 -7.80 4.68
N VAL D 113 38.64 -7.14 4.68
CA VAL D 113 38.15 -6.54 3.45
C VAL D 113 39.05 -5.39 3.02
N LEU D 114 39.72 -4.73 3.96
CA LEU D 114 40.64 -3.67 3.57
C LEU D 114 41.81 -4.23 2.77
N ILE D 115 42.42 -5.30 3.27
CA ILE D 115 43.53 -5.89 2.54
C ILE D 115 43.06 -6.45 1.21
N ALA D 116 41.89 -7.09 1.20
CA ALA D 116 41.36 -7.63 -0.05
C ALA D 116 41.09 -6.53 -1.06
N SER D 117 40.68 -5.35 -0.60
CA SER D 117 40.52 -4.22 -1.51
C SER D 117 41.85 -3.81 -2.12
N ILE D 118 42.92 -3.81 -1.31
CA ILE D 118 44.25 -3.57 -1.87
C ILE D 118 44.57 -4.63 -2.92
N ALA D 119 44.14 -5.86 -2.68
CA ALA D 119 44.29 -6.90 -3.70
C ALA D 119 43.49 -6.55 -4.95
N VAL D 120 42.35 -5.86 -4.77
CA VAL D 120 41.55 -5.43 -5.91
C VAL D 120 42.36 -4.47 -6.78
N LEU D 121 43.00 -3.49 -6.15
CA LEU D 121 43.86 -2.60 -6.90
C LEU D 121 45.20 -3.22 -7.24
N ALA D 122 45.43 -4.45 -6.80
CA ALA D 122 46.71 -5.12 -7.03
C ALA D 122 47.00 -5.22 -8.52
N SER D 133 35.45 -12.52 -13.06
CA SER D 133 35.43 -12.40 -11.61
C SER D 133 36.11 -11.12 -11.15
N ALA D 134 36.52 -10.29 -12.11
CA ALA D 134 37.06 -8.97 -11.77
C ALA D 134 35.95 -7.98 -11.51
N LEU D 135 35.13 -7.71 -12.52
CA LEU D 135 34.04 -6.75 -12.35
C LEU D 135 32.95 -7.34 -11.47
N ARG D 136 32.72 -8.65 -11.57
CA ARG D 136 31.73 -9.30 -10.72
C ARG D 136 32.11 -9.21 -9.25
N SER D 137 33.38 -9.52 -8.94
CA SER D 137 33.83 -9.38 -7.56
C SER D 137 33.84 -7.92 -7.13
N LEU D 138 34.06 -6.99 -8.06
CA LEU D 138 33.92 -5.58 -7.70
C LEU D 138 32.48 -5.27 -7.28
N ARG D 139 31.52 -5.79 -8.04
CA ARG D 139 30.12 -5.65 -7.62
C ARG D 139 29.93 -6.20 -6.21
N PHE D 140 30.59 -7.32 -5.92
CA PHE D 140 30.47 -7.93 -4.61
C PHE D 140 31.02 -7.00 -3.52
N LEU D 141 32.24 -6.51 -3.69
CA LEU D 141 32.82 -5.64 -2.67
C LEU D 141 32.05 -4.34 -2.53
N GLN D 142 31.56 -3.79 -3.64
CA GLN D 142 30.79 -2.56 -3.56
C GLN D 142 29.54 -2.77 -2.73
N ILE D 143 28.91 -3.94 -2.86
CA ILE D 143 27.80 -4.26 -1.98
C ILE D 143 28.26 -4.27 -0.53
N LEU D 144 29.42 -4.88 -0.27
CA LEU D 144 29.85 -5.08 1.11
C LEU D 144 30.14 -3.75 1.80
N ARG D 145 30.78 -2.81 1.10
CA ARG D 145 31.11 -1.54 1.73
C ARG D 145 29.87 -0.82 2.22
N MET D 146 28.72 -1.05 1.59
CA MET D 146 27.50 -0.44 2.09
C MET D 146 27.11 -0.99 3.44
N ILE D 147 27.41 -2.26 3.71
CA ILE D 147 27.10 -2.83 5.02
C ILE D 147 27.98 -2.22 6.09
N ARG D 148 29.15 -1.72 5.71
CA ARG D 148 30.01 -1.02 6.66
C ARG D 148 29.33 0.19 7.25
N MET D 149 28.39 0.80 6.52
CA MET D 149 27.79 2.05 6.99
C MET D 149 26.98 1.88 8.26
N ASP D 150 26.65 0.65 8.65
CA ASP D 150 25.95 0.39 9.90
C ASP D 150 26.90 -0.39 10.80
N ARG D 151 27.70 0.34 11.57
CA ARG D 151 28.66 -0.33 12.45
C ARG D 151 27.98 -1.01 13.62
N ARG D 152 27.22 -0.26 14.39
CA ARG D 152 26.64 -0.81 15.61
C ARG D 152 25.46 -1.73 15.34
N GLY D 153 25.11 -1.98 14.10
CA GLY D 153 23.94 -2.78 13.82
C GLY D 153 22.69 -2.16 14.39
N GLY D 154 22.50 -0.86 14.16
CA GLY D 154 21.33 -0.19 14.69
C GLY D 154 20.08 -0.55 13.93
N THR D 155 20.14 -0.45 12.60
CA THR D 155 18.97 -0.72 11.78
C THR D 155 18.52 -2.17 11.94
N TRP D 156 19.45 -3.11 11.85
CA TRP D 156 19.08 -4.51 12.01
C TRP D 156 18.48 -4.77 13.38
N LYS D 157 19.06 -4.19 14.43
CA LYS D 157 18.55 -4.45 15.76
C LYS D 157 17.13 -3.93 15.93
N LEU D 158 16.86 -2.73 15.43
CA LEU D 158 15.52 -2.19 15.55
C LEU D 158 14.50 -3.01 14.77
N LEU D 159 14.84 -3.37 13.53
CA LEU D 159 13.92 -4.16 12.73
C LEU D 159 13.61 -5.50 13.39
N GLY D 160 14.63 -6.15 13.94
CA GLY D 160 14.38 -7.43 14.59
C GLY D 160 13.52 -7.28 15.83
N SER D 161 13.70 -6.19 16.57
CA SER D 161 12.87 -5.95 17.72
C SER D 161 11.39 -5.91 17.33
N VAL D 162 11.06 -5.04 16.40
CA VAL D 162 9.65 -4.85 16.05
C VAL D 162 9.07 -6.12 15.44
N VAL D 163 9.84 -6.82 14.61
CA VAL D 163 9.30 -8.02 13.99
C VAL D 163 8.97 -9.06 15.04
N TYR D 164 9.85 -9.23 16.03
CA TYR D 164 9.61 -10.24 17.05
C TYR D 164 8.35 -9.94 17.83
N ALA D 165 8.18 -8.71 18.28
CA ALA D 165 7.00 -8.40 19.07
C ALA D 165 5.72 -8.63 18.28
N HIS D 166 5.78 -8.55 16.96
CA HIS D 166 4.63 -8.81 16.11
C HIS D 166 4.74 -10.16 15.40
N SER D 167 5.30 -11.16 16.06
CA SER D 167 5.52 -12.43 15.41
C SER D 167 4.20 -13.09 15.03
N LYS D 168 3.23 -13.10 15.93
CA LYS D 168 2.01 -13.85 15.68
C LYS D 168 1.20 -13.24 14.54
N GLU D 169 1.17 -11.91 14.44
CA GLU D 169 0.36 -11.28 13.42
C GLU D 169 1.04 -11.32 12.06
N LEU D 170 2.35 -11.19 12.01
CA LEU D 170 3.06 -11.41 10.76
C LEU D 170 2.82 -12.81 10.24
N VAL D 171 2.79 -13.80 11.12
CA VAL D 171 2.65 -15.18 10.67
C VAL D 171 1.24 -15.45 10.18
N THR D 172 0.24 -14.88 10.83
CA THR D 172 -1.11 -15.06 10.32
C THR D 172 -1.31 -14.35 8.99
N ALA D 173 -0.68 -13.19 8.80
CA ALA D 173 -0.79 -12.50 7.53
C ALA D 173 -0.18 -13.32 6.40
N TRP D 174 1.05 -13.80 6.61
CA TRP D 174 1.73 -14.54 5.57
C TRP D 174 1.12 -15.92 5.38
N TYR D 175 0.63 -16.55 6.44
CA TYR D 175 0.06 -17.88 6.31
C TYR D 175 -1.25 -17.83 5.54
N ILE D 176 -2.17 -16.96 5.95
CA ILE D 176 -3.45 -16.91 5.26
C ILE D 176 -3.29 -16.36 3.86
N GLY D 177 -2.33 -15.46 3.65
CA GLY D 177 -2.06 -15.01 2.29
C GLY D 177 -1.56 -16.14 1.43
N PHE D 178 -0.74 -17.02 2.01
CA PHE D 178 -0.24 -18.16 1.25
C PHE D 178 -1.36 -19.11 0.88
N LEU D 179 -2.27 -19.39 1.81
CA LEU D 179 -3.42 -20.21 1.48
C LEU D 179 -4.22 -19.60 0.33
N CYS D 180 -4.43 -18.28 0.38
CA CYS D 180 -5.21 -17.64 -0.67
C CYS D 180 -4.49 -17.70 -2.00
N LEU D 181 -3.17 -17.60 -2.00
CA LEU D 181 -2.41 -17.71 -3.25
C LEU D 181 -2.56 -19.10 -3.84
N ILE D 182 -2.48 -20.14 -3.02
CA ILE D 182 -2.56 -21.50 -3.54
C ILE D 182 -3.94 -21.78 -4.09
N LEU D 183 -4.98 -21.41 -3.33
CA LEU D 183 -6.32 -21.71 -3.79
C LEU D 183 -6.68 -20.93 -5.04
N ALA D 184 -6.33 -19.64 -5.09
CA ALA D 184 -6.69 -18.83 -6.24
C ALA D 184 -5.96 -19.31 -7.48
N SER D 185 -4.68 -19.66 -7.34
CA SER D 185 -3.91 -20.10 -8.49
C SER D 185 -4.42 -21.43 -9.01
N PHE D 186 -4.79 -22.34 -8.12
CA PHE D 186 -5.35 -23.60 -8.56
C PHE D 186 -6.64 -23.40 -9.33
N LEU D 187 -7.56 -22.63 -8.76
CA LEU D 187 -8.86 -22.44 -9.39
C LEU D 187 -8.74 -21.78 -10.75
N VAL D 188 -7.93 -20.71 -10.84
CA VAL D 188 -7.79 -20.04 -12.13
C VAL D 188 -7.09 -20.95 -13.13
N TYR D 189 -6.23 -21.84 -12.65
CA TYR D 189 -5.62 -22.83 -13.52
C TYR D 189 -6.68 -23.70 -14.19
N LEU D 190 -7.52 -24.34 -13.39
CA LEU D 190 -8.57 -25.18 -13.94
C LEU D 190 -9.49 -24.41 -14.86
N ALA D 191 -9.79 -23.16 -14.51
CA ALA D 191 -10.69 -22.35 -15.30
C ALA D 191 -10.16 -22.03 -16.69
N GLU D 192 -8.89 -21.67 -16.81
CA GLU D 192 -8.36 -21.26 -18.11
C GLU D 192 -7.28 -22.13 -18.72
N LYS D 193 -7.05 -23.36 -18.26
CA LYS D 193 -5.94 -24.11 -18.83
C LYS D 193 -6.07 -24.34 -20.33
N GLY D 194 -7.24 -24.80 -20.78
CA GLY D 194 -7.41 -25.00 -22.22
C GLY D 194 -7.49 -23.73 -23.04
N GLU D 195 -8.31 -22.78 -22.57
CA GLU D 195 -8.53 -21.53 -23.29
C GLU D 195 -7.33 -20.59 -23.36
N ASN D 196 -6.54 -20.45 -22.30
CA ASN D 196 -5.48 -19.45 -22.29
C ASN D 196 -4.07 -20.02 -22.36
N ASP D 197 -3.29 -19.50 -23.30
CA ASP D 197 -1.90 -19.90 -23.47
C ASP D 197 -1.04 -19.54 -22.27
N HIS D 198 -1.26 -18.35 -21.70
CA HIS D 198 -0.46 -17.91 -20.56
C HIS D 198 -0.37 -18.99 -19.51
N PHE D 199 -1.50 -19.50 -19.05
CA PHE D 199 -1.52 -20.58 -18.09
C PHE D 199 -1.37 -21.91 -18.83
N ASP D 200 -0.26 -22.61 -18.56
CA ASP D 200 -0.10 -23.92 -19.15
C ASP D 200 0.29 -24.94 -18.09
N THR D 201 0.94 -24.50 -17.03
CA THR D 201 1.33 -25.38 -15.95
C THR D 201 0.88 -24.78 -14.63
N TYR D 202 0.91 -25.58 -13.57
CA TYR D 202 0.68 -25.02 -12.26
C TYR D 202 1.79 -24.07 -11.86
N ALA D 203 2.95 -24.16 -12.52
CA ALA D 203 4.01 -23.21 -12.25
C ALA D 203 3.63 -21.82 -12.72
N ASP D 204 2.98 -21.71 -13.88
CA ASP D 204 2.57 -20.41 -14.36
C ASP D 204 1.39 -19.86 -13.59
N ALA D 205 0.49 -20.72 -13.12
CA ALA D 205 -0.60 -20.22 -12.29
C ALA D 205 -0.08 -19.71 -10.96
N LEU D 206 0.95 -20.33 -10.41
CA LEU D 206 1.54 -19.77 -9.19
C LEU D 206 2.28 -18.49 -9.48
N TRP D 207 2.90 -18.37 -10.65
CA TRP D 207 3.60 -17.12 -10.97
C TRP D 207 2.63 -15.98 -11.09
N TRP D 208 1.58 -16.15 -11.88
CA TRP D 208 0.56 -15.12 -11.97
C TRP D 208 0.00 -14.77 -10.60
N GLY D 209 -0.35 -15.78 -9.81
CA GLY D 209 -0.96 -15.48 -8.53
C GLY D 209 -0.03 -14.73 -7.60
N LEU D 210 1.27 -15.05 -7.67
CA LEU D 210 2.20 -14.37 -6.78
C LEU D 210 2.44 -12.94 -7.24
N ILE D 211 2.37 -12.70 -8.55
CA ILE D 211 2.72 -11.40 -9.09
C ILE D 211 1.47 -10.56 -9.30
N THR D 212 0.32 -11.06 -8.87
CA THR D 212 -0.94 -10.34 -8.85
C THR D 212 -1.39 -9.99 -7.44
N LEU D 213 -1.18 -10.86 -6.47
CA LEU D 213 -1.61 -10.51 -5.13
C LEU D 213 -0.64 -9.54 -4.47
N THR D 214 0.61 -9.51 -4.90
CA THR D 214 1.51 -8.46 -4.43
C THR D 214 1.29 -7.15 -5.16
N THR D 215 0.29 -7.09 -6.03
CA THR D 215 -0.07 -5.88 -6.76
C THR D 215 1.04 -5.38 -7.66
N ILE D 216 1.94 -6.25 -8.09
CA ILE D 216 2.87 -5.84 -9.12
C ILE D 216 2.19 -5.84 -10.47
N GLY D 217 1.73 -6.99 -10.90
CA GLY D 217 0.99 -7.01 -12.14
C GLY D 217 1.86 -6.63 -13.31
N TYR D 218 2.81 -7.49 -13.65
CA TYR D 218 3.61 -7.23 -14.83
C TYR D 218 2.73 -7.10 -16.05
N GLY D 219 1.79 -8.01 -16.20
CA GLY D 219 0.85 -7.98 -17.28
C GLY D 219 1.04 -9.03 -18.33
N ASP D 220 1.95 -9.97 -18.11
CA ASP D 220 2.22 -11.01 -19.09
C ASP D 220 1.30 -12.21 -18.95
N LYS D 221 0.65 -12.38 -17.81
CA LYS D 221 -0.29 -13.47 -17.61
C LYS D 221 -1.52 -12.90 -16.93
N TYR D 222 -2.65 -12.89 -17.63
CA TYR D 222 -3.90 -12.47 -17.01
C TYR D 222 -5.02 -13.38 -17.44
N PRO D 223 -6.00 -13.61 -16.58
CA PRO D 223 -7.16 -14.41 -16.98
C PRO D 223 -7.87 -13.81 -18.17
N GLN D 224 -8.26 -14.66 -19.11
CA GLN D 224 -8.93 -14.27 -20.34
C GLN D 224 -10.14 -15.16 -20.58
N THR D 225 -10.96 -15.32 -19.56
CA THR D 225 -12.11 -16.21 -19.65
C THR D 225 -13.12 -15.80 -18.59
N TRP D 226 -14.40 -15.89 -18.91
CA TRP D 226 -15.41 -15.46 -17.94
C TRP D 226 -15.22 -16.19 -16.63
N ASN D 227 -14.84 -17.46 -16.69
CA ASN D 227 -14.58 -18.21 -15.48
C ASN D 227 -13.34 -17.69 -14.78
N GLY D 228 -12.27 -17.46 -15.54
CA GLY D 228 -11.06 -16.94 -14.93
C GLY D 228 -11.26 -15.58 -14.32
N ARG D 229 -11.86 -14.66 -15.08
CA ARG D 229 -12.01 -13.30 -14.58
C ARG D 229 -12.96 -13.26 -13.39
N LEU D 230 -13.99 -14.10 -13.40
CA LEU D 230 -14.93 -14.12 -12.28
C LEU D 230 -14.29 -14.68 -11.03
N LEU D 231 -13.33 -15.59 -11.17
CA LEU D 231 -12.64 -16.11 -10.00
C LEU D 231 -11.60 -15.13 -9.49
N ALA D 232 -10.82 -14.54 -10.41
CA ALA D 232 -9.82 -13.58 -9.98
C ALA D 232 -10.44 -12.35 -9.35
N ALA D 233 -11.66 -12.01 -9.76
CA ALA D 233 -12.29 -10.80 -9.25
C ALA D 233 -12.61 -10.92 -7.76
N THR D 234 -13.02 -12.10 -7.30
CA THR D 234 -13.23 -12.28 -5.88
C THR D 234 -11.90 -12.36 -5.14
N PHE D 235 -10.97 -13.13 -5.67
CA PHE D 235 -9.77 -13.41 -4.91
C PHE D 235 -8.81 -12.23 -4.86
N THR D 236 -8.87 -11.29 -5.81
CA THR D 236 -8.04 -10.10 -5.65
C THR D 236 -8.51 -9.26 -4.48
N LEU D 237 -9.80 -8.99 -4.41
CA LEU D 237 -10.32 -8.18 -3.32
C LEU D 237 -9.91 -8.72 -1.97
N ILE D 238 -9.89 -10.05 -1.81
CA ILE D 238 -9.50 -10.61 -0.53
C ILE D 238 -7.98 -10.70 -0.41
N GLY D 239 -7.34 -11.32 -1.40
CA GLY D 239 -5.93 -11.64 -1.25
C GLY D 239 -5.05 -10.42 -1.21
N VAL D 240 -5.32 -9.43 -2.06
CA VAL D 240 -4.44 -8.28 -2.15
C VAL D 240 -4.27 -7.64 -0.78
N SER D 241 -5.36 -7.56 -0.03
CA SER D 241 -5.28 -7.05 1.34
C SER D 241 -4.37 -7.93 2.19
N PHE D 242 -4.53 -9.25 2.08
CA PHE D 242 -3.69 -10.14 2.87
C PHE D 242 -2.22 -9.90 2.60
N PHE D 243 -1.82 -9.86 1.33
CA PHE D 243 -0.41 -9.71 1.03
C PHE D 243 0.12 -8.32 1.32
N ALA D 244 -0.74 -7.35 1.56
CA ALA D 244 -0.31 -6.02 1.95
C ALA D 244 -0.46 -5.77 3.44
N LEU D 245 -0.81 -6.79 4.21
CA LEU D 245 -0.93 -6.60 5.66
C LEU D 245 0.40 -6.28 6.31
N PRO D 246 1.41 -7.15 6.24
CA PRO D 246 2.61 -6.92 7.06
C PRO D 246 3.29 -5.59 6.84
N ALA D 247 3.17 -5.00 5.66
CA ALA D 247 3.68 -3.64 5.50
C ALA D 247 2.97 -2.69 6.46
N GLY D 248 1.68 -2.88 6.65
CA GLY D 248 0.91 -2.03 7.53
C GLY D 248 1.09 -2.36 8.98
N ILE D 249 1.21 -3.65 9.30
CA ILE D 249 1.40 -4.06 10.70
C ILE D 249 2.73 -3.56 11.22
N LEU D 250 3.79 -3.73 10.44
CA LEU D 250 5.09 -3.22 10.86
C LEU D 250 5.12 -1.70 10.83
N GLY D 251 4.41 -1.08 9.89
CA GLY D 251 4.34 0.36 9.89
C GLY D 251 3.76 0.90 11.19
N SER D 252 2.60 0.41 11.58
CA SER D 252 2.00 0.87 12.83
C SER D 252 2.75 0.37 14.05
N GLY D 253 3.49 -0.72 13.94
CA GLY D 253 4.36 -1.11 15.04
C GLY D 253 5.47 -0.11 15.28
N PHE D 254 6.13 0.31 14.20
CA PHE D 254 7.15 1.35 14.32
C PHE D 254 6.57 2.62 14.93
N ALA D 255 5.45 3.09 14.39
CA ALA D 255 4.92 4.36 14.85
C ALA D 255 4.49 4.30 16.31
N LEU D 256 3.90 3.20 16.73
CA LEU D 256 3.50 3.10 18.13
C LEU D 256 4.71 3.07 19.04
N LYS D 257 5.75 2.34 18.66
CA LYS D 257 6.94 2.28 19.51
C LYS D 257 7.57 3.65 19.66
N VAL D 258 7.56 4.45 18.60
CA VAL D 258 8.13 5.78 18.74
C VAL D 258 7.26 6.64 19.64
N GLN D 259 5.95 6.46 19.62
CA GLN D 259 5.11 7.24 20.53
C GLN D 259 5.37 6.87 21.98
N GLU D 260 5.52 5.58 22.27
CA GLU D 260 5.81 5.17 23.64
C GLU D 260 7.14 5.72 24.11
N GLN D 261 8.18 5.58 23.29
CA GLN D 261 9.48 6.09 23.69
C GLN D 261 9.45 7.58 23.91
N HIS D 262 8.70 8.32 23.09
CA HIS D 262 8.59 9.75 23.31
C HIS D 262 7.88 10.04 24.62
N ARG D 263 6.85 9.26 24.95
CA ARG D 263 6.15 9.47 26.21
C ARG D 263 7.10 9.28 27.40
N GLN D 264 7.91 8.22 27.37
CA GLN D 264 8.83 8.00 28.48
C GLN D 264 9.90 9.08 28.55
N LYS D 265 10.22 9.72 27.43
CA LYS D 265 10.99 10.95 27.52
C LYS D 265 10.19 12.01 28.26
N HIS D 266 8.89 12.09 27.98
CA HIS D 266 7.99 12.94 28.76
C HIS D 266 7.84 12.46 30.20
N PHE D 267 8.17 11.20 30.47
CA PHE D 267 8.05 10.63 31.81
C PHE D 267 6.60 10.59 32.26
C1 GB9 E . -2.99 -35.18 7.37
C10 GB9 E . -1.38 -37.07 6.01
C11 GB9 E . -7.51 -30.82 7.69
C12 GB9 E . -7.40 -30.43 8.93
C2 GB9 E . -5.66 -32.33 7.88
C3 GB9 E . -3.87 -34.16 8.10
C4 GB9 E . -2.05 -36.08 8.16
C5 GB9 E . -3.06 -35.29 6.08
C6 GB9 E . -6.57 -31.84 7.14
C7 GB9 E . -1.30 -36.96 7.52
C8 GB9 E . -2.20 -36.30 5.34
C9 GB9 E . -5.53 -31.88 9.32
F1 GB9 E . -0.59 -37.98 5.35
N1 GB9 E . -4.77 -33.33 7.30
N2 GB9 E . -6.34 -31.00 9.79
O1 GB9 E . -3.81 -34.05 9.28
CL1 GB9 E . -8.54 -29.21 9.57
H8 GB9 E . -8.18 -30.46 7.15
H2 GB9 E . -2.00 -36.01 9.08
H3 GB9 E . -3.64 -34.73 5.60
H4 GB9 E . -6.65 -32.12 6.26
H5 GB9 E . -0.72 -37.50 8.00
H6 GB9 E . -2.24 -36.36 4.42
H7 GB9 E . -4.87 -32.24 9.86
H1 GB9 E . -4.79 -33.44 6.45
C1 GB9 F . -35.69 2.03 -4.81
C10 GB9 F . -37.01 0.21 -6.54
C11 GB9 F . -31.73 6.76 -3.55
C12 GB9 F . -31.77 6.77 -2.24
C2 GB9 F . -33.20 4.86 -3.68
C3 GB9 F . -34.97 3.02 -3.88
C4 GB9 F . -36.78 1.13 -4.27
C5 GB9 F . -35.36 1.98 -6.08
C6 GB9 F . -32.51 5.72 -4.31
C7 GB9 F . -37.39 0.27 -5.07
C8 GB9 F . -36.07 1.00 -7.00
C9 GB9 F . -33.24 4.88 -2.17
F1 GB9 F . -37.64 -0.66 -7.37
N1 GB9 F . -33.94 3.88 -4.45
N2 GB9 F . -32.58 5.78 -1.52
O1 GB9 F . -35.26 3.07 -2.74
CL1 GB9 F . -30.84 8.02 -1.37
H8 GB9 F . -31.23 7.38 -4.01
H2 GB9 F . -37.01 1.16 -3.37
H3 GB9 F . -34.69 2.54 -6.40
H4 GB9 F . -32.48 5.71 -5.23
H5 GB9 F . -38.05 -0.28 -4.73
H6 GB9 F . -35.83 0.96 -7.90
H7 GB9 F . -33.75 4.26 -1.71
H1 GB9 F . -33.77 3.81 -5.29
C1 GB9 G . 3.01 35.15 -7.48
C10 GB9 G . 1.84 36.22 -9.84
C11 GB9 G . 7.12 31.55 -4.38
C12 GB9 G . 6.71 31.71 -3.14
C2 GB9 G . 5.35 32.92 -5.25
C3 GB9 G . 3.65 34.57 -6.23
C4 GB9 G . 1.96 36.25 -7.39
C5 GB9 G . 3.38 34.71 -8.66
C6 GB9 G . 6.37 32.21 -5.49
C7 GB9 G . 1.41 36.74 -8.48
C8 GB9 G . 2.75 35.28 -9.93
C9 GB9 G . 4.87 33.09 -3.82
F1 GB9 G . 1.28 36.73 -10.97
N1 GB9 G . 4.66 33.54 -6.38
N2 GB9 G . 5.51 32.54 -2.86
O1 GB9 G . 3.32 34.96 -5.16
CL1 GB9 G . 7.60 30.92 -1.82
H8 GB9 G . 7.86 31.03 -4.55
H2 GB9 G . 1.71 36.56 -6.56
H3 GB9 G . 4.02 34.05 -8.73
H4 GB9 G . 6.67 32.10 -6.37
H5 GB9 G . 0.77 37.41 -8.42
H6 GB9 G . 3.00 34.97 -10.76
H7 GB9 G . 4.12 33.61 -3.66
H1 GB9 G . 4.87 33.29 -7.18
C1 GB9 H . 35.70 -2.05 4.68
C10 GB9 H . 37.47 -1.06 2.70
C11 GB9 H . 31.34 -6.03 6.85
C12 GB9 H . 31.08 -5.50 8.02
C2 GB9 H . 32.88 -4.28 6.29
C3 GB9 H . 34.75 -2.61 5.75
C4 GB9 H . 36.69 -0.95 5.02
C5 GB9 H . 35.67 -2.55 3.47
C6 GB9 H . 32.31 -5.36 5.95
C7 GB9 H . 37.51 -0.49 4.11
C8 GB9 H . 36.62 -2.02 2.40
C9 GB9 H . 32.58 -3.67 7.65
F1 GB9 H . 38.31 -0.58 1.74
N1 GB9 H . 33.83 -3.68 5.36
N2 GB9 H . 31.74 -4.24 8.43
O1 GB9 H . 34.76 -2.16 6.84
CL1 GB9 H . 29.91 -6.30 9.11
H8 GB9 H . 30.92 -6.81 6.60
H2 GB9 H . 36.71 -0.60 5.89
H3 GB9 H . 35.07 -3.23 3.26
H4 GB9 H . 32.49 -5.73 5.11
H5 GB9 H . 38.10 0.19 4.31
H6 GB9 H . 36.60 -2.36 1.55
H7 GB9 H . 33.00 -2.89 7.90
H1 GB9 H . 33.85 -3.97 4.57
#